data_1XCI
# 
_entry.id   1XCI 
# 
_audit_conform.dict_name       mmcif_pdbx.dic 
_audit_conform.dict_version    5.391 
_audit_conform.dict_location   http://mmcif.pdb.org/dictionaries/ascii/mmcif_pdbx.dic 
# 
loop_
_database_2.database_id 
_database_2.database_code 
_database_2.pdbx_database_accession 
_database_2.pdbx_DOI 
PDB   1XCI         pdb_00001xci 10.2210/pdb1xci/pdb 
RCSB  RCSB030202   ?            ?                   
WWPDB D_1000030202 ?            ?                   
# 
loop_
_pdbx_audit_revision_history.ordinal 
_pdbx_audit_revision_history.data_content_type 
_pdbx_audit_revision_history.major_revision 
_pdbx_audit_revision_history.minor_revision 
_pdbx_audit_revision_history.revision_date 
1 'Structure model' 1 0 2005-08-16 
2 'Structure model' 1 1 2008-04-30 
3 'Structure model' 1 2 2011-07-13 
4 'Structure model' 1 3 2018-06-06 
5 'Structure model' 1 4 2024-05-01 
# 
_pdbx_audit_revision_details.ordinal             1 
_pdbx_audit_revision_details.revision_ordinal    1 
_pdbx_audit_revision_details.data_content_type   'Structure model' 
_pdbx_audit_revision_details.provider            repository 
_pdbx_audit_revision_details.type                'Initial release' 
_pdbx_audit_revision_details.description         ? 
_pdbx_audit_revision_details.details             ? 
# 
loop_
_pdbx_audit_revision_group.ordinal 
_pdbx_audit_revision_group.revision_ordinal 
_pdbx_audit_revision_group.data_content_type 
_pdbx_audit_revision_group.group 
1 2 'Structure model' 'Version format compliance' 
2 3 'Structure model' 'Version format compliance' 
3 4 'Structure model' 'Data collection'           
4 4 'Structure model' 'Derived calculations'      
5 4 'Structure model' 'Experimental preparation'  
6 4 'Structure model' 'Source and taxonomy'       
7 5 'Structure model' 'Data collection'           
8 5 'Structure model' 'Database references'       
9 5 'Structure model' 'Derived calculations'      
# 
loop_
_pdbx_audit_revision_category.ordinal 
_pdbx_audit_revision_category.revision_ordinal 
_pdbx_audit_revision_category.data_content_type 
_pdbx_audit_revision_category.category 
1  4 'Structure model' ndb_struct_conf_na               
2  4 'Structure model' pdbx_entity_src_syn              
3  4 'Structure model' pdbx_nmr_exptl_sample_conditions 
4  4 'Structure model' pdbx_struct_assembly             
5  4 'Structure model' pdbx_struct_assembly_prop        
6  4 'Structure model' pdbx_struct_oper_list            
7  5 'Structure model' chem_comp_atom                   
8  5 'Structure model' chem_comp_bond                   
9  5 'Structure model' database_2                       
10 5 'Structure model' struct_conn                      
# 
loop_
_pdbx_audit_revision_item.ordinal 
_pdbx_audit_revision_item.revision_ordinal 
_pdbx_audit_revision_item.data_content_type 
_pdbx_audit_revision_item.item 
1  4 'Structure model' '_pdbx_nmr_exptl_sample_conditions.temperature' 
2  5 'Structure model' '_database_2.pdbx_DOI'                          
3  5 'Structure model' '_database_2.pdbx_database_accession'           
4  5 'Structure model' '_struct_conn.pdbx_dist_value'                  
5  5 'Structure model' '_struct_conn.pdbx_leaving_atom_flag'           
6  5 'Structure model' '_struct_conn.ptnr1_auth_comp_id'               
7  5 'Structure model' '_struct_conn.ptnr1_auth_seq_id'                
8  5 'Structure model' '_struct_conn.ptnr1_label_atom_id'              
9  5 'Structure model' '_struct_conn.ptnr1_label_comp_id'              
10 5 'Structure model' '_struct_conn.ptnr1_label_seq_id'               
11 5 'Structure model' '_struct_conn.ptnr2_auth_asym_id'               
12 5 'Structure model' '_struct_conn.ptnr2_auth_comp_id'               
13 5 'Structure model' '_struct_conn.ptnr2_auth_seq_id'                
14 5 'Structure model' '_struct_conn.ptnr2_label_asym_id'              
15 5 'Structure model' '_struct_conn.ptnr2_label_atom_id'              
16 5 'Structure model' '_struct_conn.ptnr2_label_comp_id'              
17 5 'Structure model' '_struct_conn.ptnr2_label_seq_id'               
# 
_pdbx_database_status.status_code                     REL 
_pdbx_database_status.entry_id                        1XCI 
_pdbx_database_status.recvd_initial_deposition_date   2004-09-02 
_pdbx_database_status.deposit_site                    RCSB 
_pdbx_database_status.process_site                    RCSB 
_pdbx_database_status.status_code_sf                  ? 
_pdbx_database_status.status_code_mr                  ? 
_pdbx_database_status.SG_entry                        ? 
_pdbx_database_status.pdb_format_compatible           Y 
_pdbx_database_status.status_code_cs                  ? 
_pdbx_database_status.methods_development_category    ? 
_pdbx_database_status.status_code_nmr_data            ? 
# 
loop_
_audit_author.name 
_audit_author.pdbx_ordinal 
'da Silva, M.W.'  1 
'Bierbryer, R.G.' 2 
'Wilds, C.J.'     3 
'Noronha, A.M.'   4 
'Colvin, O.M.'    5 
'Miller, P.S.'    6 
'Gamcsik, M.P.'   7 
# 
_citation.id                        primary 
_citation.title                     
'Intrastrand base-stacking buttresses widening of major groove in interstrand cross-linked B-DNA.' 
_citation.journal_abbrev            Bioorg.Med.Chem. 
_citation.journal_volume            13 
_citation.page_first                4580 
_citation.page_last                 4587 
_citation.year                      2005 
_citation.journal_id_ASTM           BMECEP 
_citation.country                   UK 
_citation.journal_id_ISSN           0968-0896 
_citation.journal_id_CSD            1200 
_citation.book_publisher            ? 
_citation.pdbx_database_id_PubMed   15953553 
_citation.pdbx_database_id_DOI      10.1016/j.bmc.2005.03.032 
# 
loop_
_citation_author.citation_id 
_citation_author.name 
_citation_author.ordinal 
_citation_author.identifier_ORCID 
primary 'da Silva, M.W.'  1 ? 
primary 'Bierbryer, R.G.' 2 ? 
primary 'Wilds, C.J.'     3 ? 
primary 'Noronha, A.M.'   4 ? 
primary 'Colvin, O.M.'    5 ? 
primary 'Miller, P.S.'    6 ? 
primary 'Gamcsik, M.P.'   7 ? 
# 
_entity.id                         1 
_entity.type                       polymer 
_entity.src_method                 syn 
_entity.pdbx_description           "5'-D(*CP*GP*AP*AP*AP*(TTM)P*TP*TP*TP*CP*G)-3'" 
_entity.formula_weight             3376.263 
_entity.pdbx_number_of_molecules   2 
_entity.pdbx_ec                    ? 
_entity.pdbx_mutation              ? 
_entity.pdbx_fragment              ? 
_entity.details                    ? 
# 
_entity_poly.entity_id                      1 
_entity_poly.type                           polydeoxyribonucleotide 
_entity_poly.nstd_linkage                   no 
_entity_poly.nstd_monomer                   yes 
_entity_poly.pdbx_seq_one_letter_code       '(DC)(DG)(DA)(DA)(DA)(TTM)(DT)(DT)(DT)(DC)(DG)' 
_entity_poly.pdbx_seq_one_letter_code_can   CGAAATTTTCG 
_entity_poly.pdbx_strand_id                 A,B 
_entity_poly.pdbx_target_identifier         ? 
# 
loop_
_entity_poly_seq.entity_id 
_entity_poly_seq.num 
_entity_poly_seq.mon_id 
_entity_poly_seq.hetero 
1 1  DC  n 
1 2  DG  n 
1 3  DA  n 
1 4  DA  n 
1 5  DA  n 
1 6  TTM n 
1 7  DT  n 
1 8  DT  n 
1 9  DT  n 
1 10 DC  n 
1 11 DG  n 
# 
_pdbx_entity_src_syn.entity_id              1 
_pdbx_entity_src_syn.pdbx_src_id            1 
_pdbx_entity_src_syn.pdbx_alt_source_flag   sample 
_pdbx_entity_src_syn.pdbx_beg_seq_num       ? 
_pdbx_entity_src_syn.pdbx_end_seq_num       ? 
_pdbx_entity_src_syn.organism_scientific    'synthetic construct' 
_pdbx_entity_src_syn.organism_common_name   ? 
_pdbx_entity_src_syn.ncbi_taxonomy_id       32630 
_pdbx_entity_src_syn.details                ? 
# 
loop_
_chem_comp.id 
_chem_comp.type 
_chem_comp.mon_nstd_flag 
_chem_comp.name 
_chem_comp.pdbx_synonyms 
_chem_comp.formula 
_chem_comp.formula_weight 
DA  'DNA linking' y "2'-DEOXYADENOSINE-5'-MONOPHOSPHATE"  ? 'C10 H14 N5 O6 P' 331.222 
DC  'DNA linking' y "2'-DEOXYCYTIDINE-5'-MONOPHOSPHATE"   ? 'C9 H14 N3 O7 P'  307.197 
DG  'DNA linking' y "2'-DEOXYGUANOSINE-5'-MONOPHOSPHATE"  ? 'C10 H14 N5 O7 P' 347.221 
DT  'DNA linking' y "THYMIDINE-5'-MONOPHOSPHATE"          ? 'C10 H15 N2 O8 P' 322.208 
TTM 'DNA linking' n "N3-ETHYL-THYMIDINE-5'-MONOPHOSPHATE" ? 'C12 H19 N2 O8 P' 350.262 
# 
loop_
_pdbx_poly_seq_scheme.asym_id 
_pdbx_poly_seq_scheme.entity_id 
_pdbx_poly_seq_scheme.seq_id 
_pdbx_poly_seq_scheme.mon_id 
_pdbx_poly_seq_scheme.ndb_seq_num 
_pdbx_poly_seq_scheme.pdb_seq_num 
_pdbx_poly_seq_scheme.auth_seq_num 
_pdbx_poly_seq_scheme.pdb_mon_id 
_pdbx_poly_seq_scheme.auth_mon_id 
_pdbx_poly_seq_scheme.pdb_strand_id 
_pdbx_poly_seq_scheme.pdb_ins_code 
_pdbx_poly_seq_scheme.hetero 
A 1 1  DC  1  1  1  DC  CYT A . n 
A 1 2  DG  2  2  2  DG  GUA A . n 
A 1 3  DA  3  3  3  DA  ADE A . n 
A 1 4  DA  4  4  4  DA  ADE A . n 
A 1 5  DA  5  5  5  DA  ADE A . n 
A 1 6  TTM 6  6  6  TTM THZ A . n 
A 1 7  DT  7  7  7  DT  THY A . n 
A 1 8  DT  8  8  8  DT  THY A . n 
A 1 9  DT  9  9  9  DT  THY A . n 
A 1 10 DC  10 10 10 DC  CYT A . n 
A 1 11 DG  11 11 11 DG  GUA A . n 
B 1 1  DC  1  1  1  DC  CYT B . n 
B 1 2  DG  2  2  2  DG  GUA B . n 
B 1 3  DA  3  3  3  DA  ADE B . n 
B 1 4  DA  4  4  4  DA  ADE B . n 
B 1 5  DA  5  5  5  DA  ADE B . n 
B 1 6  TTM 6  6  6  TTM THZ B . n 
B 1 7  DT  7  7  7  DT  THY B . n 
B 1 8  DT  8  8  8  DT  THY B . n 
B 1 9  DT  9  9  9  DT  THY B . n 
B 1 10 DC  10 10 10 DC  CYT B . n 
B 1 11 DG  11 11 11 DG  GUA B . n 
# 
_exptl.entry_id          1XCI 
_exptl.method            'SOLUTION NMR' 
_exptl.crystals_number   ? 
# 
_exptl_crystal.id                    1 
_exptl_crystal.density_meas          ? 
_exptl_crystal.density_Matthews      ? 
_exptl_crystal.density_percent_sol   ? 
_exptl_crystal.description           ? 
_exptl_crystal.F_000                 ? 
_exptl_crystal.preparation           ? 
# 
_diffrn.id                     1 
_diffrn.ambient_temp           ? 
_diffrn.ambient_temp_details   ? 
_diffrn.crystal_id             1 
# 
_diffrn_radiation.diffrn_id                        1 
_diffrn_radiation.wavelength_id                    1 
_diffrn_radiation.pdbx_monochromatic_or_laue_m_l   M 
_diffrn_radiation.monochromator                    ? 
_diffrn_radiation.pdbx_diffrn_protocol             'SINGLE WAVELENGTH' 
_diffrn_radiation.pdbx_scattering_type             ? 
# 
_diffrn_radiation_wavelength.id           1 
_diffrn_radiation_wavelength.wavelength   . 
_diffrn_radiation_wavelength.wt           1.0 
# 
_struct.entry_id                  1XCI 
_struct.title                     'Mispair Aligned N3T-Butyl-N3T Interstrand Crosslink' 
_struct.pdbx_model_details        ? 
_struct.pdbx_CASP_flag            ? 
_struct.pdbx_model_type_details   ? 
# 
_struct_keywords.entry_id        1XCI 
_struct_keywords.pdbx_keywords   DNA 
_struct_keywords.text            'interstrand cross-link, double helix, DNA' 
# 
loop_
_struct_asym.id 
_struct_asym.pdbx_blank_PDB_chainid_flag 
_struct_asym.pdbx_modified 
_struct_asym.entity_id 
_struct_asym.details 
A N N 1 ? 
B N N 1 ? 
# 
_struct_ref.id                         1 
_struct_ref.entity_id                  1 
_struct_ref.db_name                    PDB 
_struct_ref.db_code                    1XCI 
_struct_ref.pdbx_db_accession          1XCI 
_struct_ref.pdbx_db_isoform            ? 
_struct_ref.pdbx_seq_one_letter_code   ? 
_struct_ref.pdbx_align_begin           ? 
# 
loop_
_struct_ref_seq.align_id 
_struct_ref_seq.ref_id 
_struct_ref_seq.pdbx_PDB_id_code 
_struct_ref_seq.pdbx_strand_id 
_struct_ref_seq.seq_align_beg 
_struct_ref_seq.pdbx_seq_align_beg_ins_code 
_struct_ref_seq.seq_align_end 
_struct_ref_seq.pdbx_seq_align_end_ins_code 
_struct_ref_seq.pdbx_db_accession 
_struct_ref_seq.db_align_beg 
_struct_ref_seq.pdbx_db_align_beg_ins_code 
_struct_ref_seq.db_align_end 
_struct_ref_seq.pdbx_db_align_end_ins_code 
_struct_ref_seq.pdbx_auth_seq_align_beg 
_struct_ref_seq.pdbx_auth_seq_align_end 
1 1 1XCI A 1 ? 11 ? 1XCI 1 ? 11 ? 1 11 
2 1 1XCI B 1 ? 11 ? 1XCI 1 ? 11 ? 1 11 
# 
_pdbx_struct_assembly.id                   1 
_pdbx_struct_assembly.details              author_defined_assembly 
_pdbx_struct_assembly.method_details       ? 
_pdbx_struct_assembly.oligomeric_details   dimeric 
_pdbx_struct_assembly.oligomeric_count     2 
# 
loop_
_pdbx_struct_assembly_prop.biol_id 
_pdbx_struct_assembly_prop.type 
_pdbx_struct_assembly_prop.value 
_pdbx_struct_assembly_prop.details 
1 'ABSA (A^2)' 2500 ? 
1 MORE         -2   ? 
1 'SSA (A^2)'  3590 ? 
# 
_pdbx_struct_assembly_gen.assembly_id       1 
_pdbx_struct_assembly_gen.oper_expression   1 
_pdbx_struct_assembly_gen.asym_id_list      A,B 
# 
_pdbx_struct_oper_list.id                   1 
_pdbx_struct_oper_list.type                 'identity operation' 
_pdbx_struct_oper_list.name                 1_555 
_pdbx_struct_oper_list.symmetry_operation   ? 
_pdbx_struct_oper_list.matrix[1][1]         1.0000000000 
_pdbx_struct_oper_list.matrix[1][2]         0.0000000000 
_pdbx_struct_oper_list.matrix[1][3]         0.0000000000 
_pdbx_struct_oper_list.vector[1]            0.0000000000 
_pdbx_struct_oper_list.matrix[2][1]         0.0000000000 
_pdbx_struct_oper_list.matrix[2][2]         1.0000000000 
_pdbx_struct_oper_list.matrix[2][3]         0.0000000000 
_pdbx_struct_oper_list.vector[2]            0.0000000000 
_pdbx_struct_oper_list.matrix[3][1]         0.0000000000 
_pdbx_struct_oper_list.matrix[3][2]         0.0000000000 
_pdbx_struct_oper_list.matrix[3][3]         1.0000000000 
_pdbx_struct_oper_list.vector[3]            0.0000000000 
# 
loop_
_struct_conn.id 
_struct_conn.conn_type_id 
_struct_conn.pdbx_leaving_atom_flag 
_struct_conn.pdbx_PDB_id 
_struct_conn.ptnr1_label_asym_id 
_struct_conn.ptnr1_label_comp_id 
_struct_conn.ptnr1_label_seq_id 
_struct_conn.ptnr1_label_atom_id 
_struct_conn.pdbx_ptnr1_label_alt_id 
_struct_conn.pdbx_ptnr1_PDB_ins_code 
_struct_conn.pdbx_ptnr1_standard_comp_id 
_struct_conn.ptnr1_symmetry 
_struct_conn.ptnr2_label_asym_id 
_struct_conn.ptnr2_label_comp_id 
_struct_conn.ptnr2_label_seq_id 
_struct_conn.ptnr2_label_atom_id 
_struct_conn.pdbx_ptnr2_label_alt_id 
_struct_conn.pdbx_ptnr2_PDB_ins_code 
_struct_conn.ptnr1_auth_asym_id 
_struct_conn.ptnr1_auth_comp_id 
_struct_conn.ptnr1_auth_seq_id 
_struct_conn.ptnr2_auth_asym_id 
_struct_conn.ptnr2_auth_comp_id 
_struct_conn.ptnr2_auth_seq_id 
_struct_conn.ptnr2_symmetry 
_struct_conn.pdbx_ptnr3_label_atom_id 
_struct_conn.pdbx_ptnr3_label_seq_id 
_struct_conn.pdbx_ptnr3_label_comp_id 
_struct_conn.pdbx_ptnr3_label_asym_id 
_struct_conn.pdbx_ptnr3_label_alt_id 
_struct_conn.pdbx_ptnr3_PDB_ins_code 
_struct_conn.details 
_struct_conn.pdbx_dist_value 
_struct_conn.pdbx_value_order 
_struct_conn.pdbx_role 
covale1  covale both ? A DA  5  "O3'" ? ? ? 1_555 A TTM 6  P   ? ? A DA  5  A TTM 6  1_555 ? ? ? ? ? ? ?            1.600 ? ? 
covale2  covale both ? A TTM 6  "O3'" ? ? ? 1_555 A DT  7  P   ? ? A TTM 6  A DT  7  1_555 ? ? ? ? ? ? ?            1.603 ? ? 
covale3  covale none ? A TTM 6  C2Q   ? ? ? 1_555 B TTM 6  C2Q ? ? A TTM 6  B TTM 6  1_555 ? ? ? ? ? ? ?            1.621 ? ? 
covale4  covale both ? B DA  5  "O3'" ? ? ? 1_555 B TTM 6  P   ? ? B DA  5  B TTM 6  1_555 ? ? ? ? ? ? ?            1.603 ? ? 
covale5  covale both ? B TTM 6  "O3'" ? ? ? 1_555 B DT  7  P   ? ? B TTM 6  B DT  7  1_555 ? ? ? ? ? ? ?            1.602 ? ? 
hydrog1  hydrog ?    ? A DC  1  N3    ? ? ? 1_555 B DG  11 N1  ? ? A DC  1  B DG  11 1_555 ? ? ? ? ? ? WATSON-CRICK ?     ? ? 
hydrog2  hydrog ?    ? A DC  1  N4    ? ? ? 1_555 B DG  11 O6  ? ? A DC  1  B DG  11 1_555 ? ? ? ? ? ? WATSON-CRICK ?     ? ? 
hydrog3  hydrog ?    ? A DC  1  O2    ? ? ? 1_555 B DG  11 N2  ? ? A DC  1  B DG  11 1_555 ? ? ? ? ? ? WATSON-CRICK ?     ? ? 
hydrog4  hydrog ?    ? A DG  2  N1    ? ? ? 1_555 B DC  10 N3  ? ? A DG  2  B DC  10 1_555 ? ? ? ? ? ? WATSON-CRICK ?     ? ? 
hydrog5  hydrog ?    ? A DG  2  N2    ? ? ? 1_555 B DC  10 O2  ? ? A DG  2  B DC  10 1_555 ? ? ? ? ? ? WATSON-CRICK ?     ? ? 
hydrog6  hydrog ?    ? A DG  2  O6    ? ? ? 1_555 B DC  10 N4  ? ? A DG  2  B DC  10 1_555 ? ? ? ? ? ? WATSON-CRICK ?     ? ? 
hydrog7  hydrog ?    ? A DA  3  N1    ? ? ? 1_555 B DT  9  N3  ? ? A DA  3  B DT  9  1_555 ? ? ? ? ? ? WATSON-CRICK ?     ? ? 
hydrog8  hydrog ?    ? A DA  3  N6    ? ? ? 1_555 B DT  9  O4  ? ? A DA  3  B DT  9  1_555 ? ? ? ? ? ? WATSON-CRICK ?     ? ? 
hydrog9  hydrog ?    ? A DA  4  N1    ? ? ? 1_555 B DT  8  N3  ? ? A DA  4  B DT  8  1_555 ? ? ? ? ? ? WATSON-CRICK ?     ? ? 
hydrog10 hydrog ?    ? A DA  4  N6    ? ? ? 1_555 B DT  8  O4  ? ? A DA  4  B DT  8  1_555 ? ? ? ? ? ? WATSON-CRICK ?     ? ? 
hydrog11 hydrog ?    ? A DA  5  N1    ? ? ? 1_555 B DT  7  N3  ? ? A DA  5  B DT  7  1_555 ? ? ? ? ? ? WATSON-CRICK ?     ? ? 
hydrog12 hydrog ?    ? A DA  5  N6    ? ? ? 1_555 B DT  7  O4  ? ? A DA  5  B DT  7  1_555 ? ? ? ? ? ? WATSON-CRICK ?     ? ? 
hydrog13 hydrog ?    ? A DT  7  N3    ? ? ? 1_555 B DA  5  N1  ? ? A DT  7  B DA  5  1_555 ? ? ? ? ? ? WATSON-CRICK ?     ? ? 
hydrog14 hydrog ?    ? A DT  7  O4    ? ? ? 1_555 B DA  5  N6  ? ? A DT  7  B DA  5  1_555 ? ? ? ? ? ? WATSON-CRICK ?     ? ? 
hydrog15 hydrog ?    ? A DT  8  N3    ? ? ? 1_555 B DA  4  N1  ? ? A DT  8  B DA  4  1_555 ? ? ? ? ? ? WATSON-CRICK ?     ? ? 
hydrog16 hydrog ?    ? A DT  8  O4    ? ? ? 1_555 B DA  4  N6  ? ? A DT  8  B DA  4  1_555 ? ? ? ? ? ? WATSON-CRICK ?     ? ? 
hydrog17 hydrog ?    ? A DT  9  N3    ? ? ? 1_555 B DA  3  N1  ? ? A DT  9  B DA  3  1_555 ? ? ? ? ? ? WATSON-CRICK ?     ? ? 
hydrog18 hydrog ?    ? A DT  9  O4    ? ? ? 1_555 B DA  3  N6  ? ? A DT  9  B DA  3  1_555 ? ? ? ? ? ? WATSON-CRICK ?     ? ? 
hydrog19 hydrog ?    ? A DC  10 N3    ? ? ? 1_555 B DG  2  N1  ? ? A DC  10 B DG  2  1_555 ? ? ? ? ? ? WATSON-CRICK ?     ? ? 
hydrog20 hydrog ?    ? A DC  10 N4    ? ? ? 1_555 B DG  2  O6  ? ? A DC  10 B DG  2  1_555 ? ? ? ? ? ? WATSON-CRICK ?     ? ? 
hydrog21 hydrog ?    ? A DC  10 O2    ? ? ? 1_555 B DG  2  N2  ? ? A DC  10 B DG  2  1_555 ? ? ? ? ? ? WATSON-CRICK ?     ? ? 
hydrog22 hydrog ?    ? A DG  11 N1    ? ? ? 1_555 B DC  1  N3  ? ? A DG  11 B DC  1  1_555 ? ? ? ? ? ? WATSON-CRICK ?     ? ? 
hydrog23 hydrog ?    ? A DG  11 N2    ? ? ? 1_555 B DC  1  O2  ? ? A DG  11 B DC  1  1_555 ? ? ? ? ? ? WATSON-CRICK ?     ? ? 
hydrog24 hydrog ?    ? A DG  11 O6    ? ? ? 1_555 B DC  1  N4  ? ? A DG  11 B DC  1  1_555 ? ? ? ? ? ? WATSON-CRICK ?     ? ? 
# 
loop_
_struct_conn_type.id 
_struct_conn_type.criteria 
_struct_conn_type.reference 
covale ? ? 
hydrog ? ? 
# 
loop_
_pdbx_validate_rmsd_angle.id 
_pdbx_validate_rmsd_angle.PDB_model_num 
_pdbx_validate_rmsd_angle.auth_atom_id_1 
_pdbx_validate_rmsd_angle.auth_asym_id_1 
_pdbx_validate_rmsd_angle.auth_comp_id_1 
_pdbx_validate_rmsd_angle.auth_seq_id_1 
_pdbx_validate_rmsd_angle.PDB_ins_code_1 
_pdbx_validate_rmsd_angle.label_alt_id_1 
_pdbx_validate_rmsd_angle.auth_atom_id_2 
_pdbx_validate_rmsd_angle.auth_asym_id_2 
_pdbx_validate_rmsd_angle.auth_comp_id_2 
_pdbx_validate_rmsd_angle.auth_seq_id_2 
_pdbx_validate_rmsd_angle.PDB_ins_code_2 
_pdbx_validate_rmsd_angle.label_alt_id_2 
_pdbx_validate_rmsd_angle.auth_atom_id_3 
_pdbx_validate_rmsd_angle.auth_asym_id_3 
_pdbx_validate_rmsd_angle.auth_comp_id_3 
_pdbx_validate_rmsd_angle.auth_seq_id_3 
_pdbx_validate_rmsd_angle.PDB_ins_code_3 
_pdbx_validate_rmsd_angle.label_alt_id_3 
_pdbx_validate_rmsd_angle.angle_value 
_pdbx_validate_rmsd_angle.angle_target_value 
_pdbx_validate_rmsd_angle.angle_deviation 
_pdbx_validate_rmsd_angle.angle_standard_deviation 
_pdbx_validate_rmsd_angle.linker_flag 
1  1 "C4'" A DC 1  ? ? "C3'" A DC 1  ? ? "C2'" A DC 1  ? ? 97.57  102.20 -4.63  0.70 N 
2  1 "C3'" A DC 1  ? ? "C2'" A DC 1  ? ? "C1'" A DC 1  ? ? 96.51  102.40 -5.89  0.80 N 
3  1 "C3'" A DA 3  ? ? "C2'" A DA 3  ? ? "C1'" A DA 3  ? ? 96.23  102.40 -6.17  0.80 N 
4  1 N1    A DA 3  ? ? C6    A DA 3  ? ? N6    A DA 3  ? ? 122.45 118.60 3.85   0.60 N 
5  1 "C3'" A DA 3  ? ? "O3'" A DA 3  ? ? P     A DA 4  ? ? 127.81 119.70 8.11   1.20 Y 
6  1 "C4'" A DA 4  ? ? "C3'" A DA 4  ? ? "C2'" A DA 4  ? ? 97.72  102.20 -4.48  0.70 N 
7  1 "C3'" A DA 4  ? ? "C2'" A DA 4  ? ? "C1'" A DA 4  ? ? 94.45  102.40 -7.95  0.80 N 
8  1 "O4'" A DA 4  ? ? "C1'" A DA 4  ? ? "C2'" A DA 4  ? ? 99.37  105.90 -6.53  0.80 N 
9  1 "O4'" A DA 4  ? ? "C1'" A DA 4  ? ? N9    A DA 4  ? ? 114.98 108.30 6.68   0.30 N 
10 1 "C3'" A DA 5  ? ? "C2'" A DA 5  ? ? "C1'" A DA 5  ? ? 96.34  102.40 -6.06  0.80 N 
11 1 N1    A DA 5  ? ? C6    A DA 5  ? ? N6    A DA 5  ? ? 123.55 118.60 4.95   0.60 N 
12 1 C4    A DT 7  ? ? C5    A DT 7  ? ? C6    A DT 7  ? ? 121.69 118.00 3.69   0.60 N 
13 1 C6    A DT 7  ? ? C5    A DT 7  ? ? C7    A DT 7  ? ? 119.08 122.90 -3.82  0.60 N 
14 1 "C3'" A DT 8  ? ? "C2'" A DT 8  ? ? "C1'" A DT 8  ? ? 96.93  102.40 -5.47  0.80 N 
15 1 C4    A DT 8  ? ? C5    A DT 8  ? ? C6    A DT 8  ? ? 121.96 118.00 3.96   0.60 N 
16 1 C6    A DT 8  ? ? C5    A DT 8  ? ? C7    A DT 8  ? ? 117.10 122.90 -5.80  0.60 N 
17 1 "O4'" A DT 9  ? ? "C4'" A DT 9  ? ? "C3'" A DT 9  ? ? 101.96 104.50 -2.54  0.40 N 
18 1 "C3'" A DT 9  ? ? "C2'" A DT 9  ? ? "C1'" A DT 9  ? ? 92.09  102.40 -10.31 0.80 N 
19 1 "O4'" A DT 9  ? ? "C1'" A DT 9  ? ? "C2'" A DT 9  ? ? 100.85 105.90 -5.05  0.80 N 
20 1 "O4'" A DT 9  ? ? "C1'" A DT 9  ? ? N1    A DT 9  ? ? 112.01 108.30 3.71   0.30 N 
21 1 C4    A DT 9  ? ? C5    A DT 9  ? ? C6    A DT 9  ? ? 121.74 118.00 3.74   0.60 N 
22 1 C6    A DT 9  ? ? C5    A DT 9  ? ? C7    A DT 9  ? ? 118.74 122.90 -4.16  0.60 N 
23 1 "C3'" A DC 10 ? ? "C2'" A DC 10 ? ? "C1'" A DC 10 ? ? 96.24  102.40 -6.16  0.80 N 
24 1 "O4'" A DG 11 ? ? "C4'" A DG 11 ? ? "C3'" A DG 11 ? ? 100.91 104.50 -3.59  0.40 N 
25 1 "C3'" A DG 11 ? ? "C2'" A DG 11 ? ? "C1'" A DG 11 ? ? 93.99  102.40 -8.41  0.80 N 
26 1 "C3'" B DC 1  ? ? "C2'" B DC 1  ? ? "C1'" B DC 1  ? ? 95.76  102.40 -6.64  0.80 N 
27 1 "O4'" B DC 1  ? ? "C1'" B DC 1  ? ? "C2'" B DC 1  ? ? 100.12 105.90 -5.78  0.80 N 
28 1 "O4'" B DG 2  ? ? "C4'" B DG 2  ? ? "C3'" B DG 2  ? ? 101.43 104.50 -3.07  0.40 N 
29 1 "C3'" B DG 2  ? ? "C2'" B DG 2  ? ? "C1'" B DG 2  ? ? 91.84  102.40 -10.56 0.80 N 
30 1 "C3'" B DA 3  ? ? "C2'" B DA 3  ? ? "C1'" B DA 3  ? ? 95.88  102.40 -6.52  0.80 N 
31 1 N1    B DA 3  ? ? C6    B DA 3  ? ? N6    B DA 3  ? ? 122.99 118.60 4.39   0.60 N 
32 1 "C3'" B DA 3  ? ? "O3'" B DA 3  ? ? P     B DA 4  ? ? 127.24 119.70 7.54   1.20 Y 
33 1 "C3'" B DA 4  ? ? "C2'" B DA 4  ? ? "C1'" B DA 4  ? ? 93.30  102.40 -9.10  0.80 N 
34 1 "O4'" B DA 4  ? ? "C1'" B DA 4  ? ? N9    B DA 4  ? ? 111.94 108.30 3.64   0.30 N 
35 1 "C3'" B DA 5  ? ? "C2'" B DA 5  ? ? "C1'" B DA 5  ? ? 95.21  102.40 -7.19  0.80 N 
36 1 "O4'" B DA 5  ? ? "C1'" B DA 5  ? ? N9    B DA 5  ? ? 110.42 108.30 2.12   0.30 N 
37 1 N1    B DA 5  ? ? C6    B DA 5  ? ? N6    B DA 5  ? ? 123.30 118.60 4.70   0.60 N 
38 1 "C3'" B DT 7  ? ? "C2'" B DT 7  ? ? "C1'" B DT 7  ? ? 96.93  102.40 -5.47  0.80 N 
39 1 "C3'" B DT 8  ? ? "C2'" B DT 8  ? ? "C1'" B DT 8  ? ? 96.65  102.40 -5.75  0.80 N 
40 1 "O4'" B DT 8  ? ? "C1'" B DT 8  ? ? "C2'" B DT 8  ? ? 100.84 105.90 -5.06  0.80 N 
41 1 "O4'" B DT 8  ? ? "C1'" B DT 8  ? ? N1    B DT 8  ? ? 110.20 108.30 1.90   0.30 N 
42 1 "C3'" B DT 9  ? ? "C2'" B DT 9  ? ? "C1'" B DT 9  ? ? 92.95  102.40 -9.45  0.80 N 
43 1 "O4'" B DT 9  ? ? "C1'" B DT 9  ? ? N1    B DT 9  ? ? 113.18 108.30 4.88   0.30 N 
44 1 "C3'" B DC 10 ? ? "C2'" B DC 10 ? ? "C1'" B DC 10 ? ? 95.47  102.40 -6.93  0.80 N 
45 1 "O4'" B DG 11 ? ? "C4'" B DG 11 ? ? "C3'" B DG 11 ? ? 100.75 104.50 -3.75  0.40 N 
46 1 "C3'" B DG 11 ? ? "C2'" B DG 11 ? ? "C1'" B DG 11 ? ? 93.44  102.40 -8.96  0.80 N 
# 
loop_
_pdbx_struct_mod_residue.id 
_pdbx_struct_mod_residue.label_asym_id 
_pdbx_struct_mod_residue.label_comp_id 
_pdbx_struct_mod_residue.label_seq_id 
_pdbx_struct_mod_residue.auth_asym_id 
_pdbx_struct_mod_residue.auth_comp_id 
_pdbx_struct_mod_residue.auth_seq_id 
_pdbx_struct_mod_residue.PDB_ins_code 
_pdbx_struct_mod_residue.parent_comp_id 
_pdbx_struct_mod_residue.details 
1 A TTM 6 A TTM 6 ? DT "N3-ETHYL-THYMIDINE-5'-MONOPHOSPHATE" 
2 B TTM 6 B TTM 6 ? DT "N3-ETHYL-THYMIDINE-5'-MONOPHOSPHATE" 
# 
_pdbx_nmr_ensemble.entry_id                                      1XCI 
_pdbx_nmr_ensemble.conformers_calculated_total_number            15 
_pdbx_nmr_ensemble.conformers_submitted_total_number             1 
_pdbx_nmr_ensemble.conformer_selection_criteria                  'structures with the lowest energy' 
_pdbx_nmr_ensemble.average_constraints_per_residue               ? 
_pdbx_nmr_ensemble.average_constraint_violations_per_residue     ? 
_pdbx_nmr_ensemble.maximum_distance_constraint_violation         ? 
_pdbx_nmr_ensemble.average_distance_constraint_violation         ? 
_pdbx_nmr_ensemble.maximum_upper_distance_constraint_violation   ? 
_pdbx_nmr_ensemble.maximum_lower_distance_constraint_violation   ? 
_pdbx_nmr_ensemble.distance_constraint_violation_method          ? 
_pdbx_nmr_ensemble.maximum_torsion_angle_constraint_violation    ? 
_pdbx_nmr_ensemble.average_torsion_angle_constraint_violation    ? 
_pdbx_nmr_ensemble.torsion_angle_constraint_violation_method     ? 
# 
_pdbx_nmr_representative.entry_id             1XCI 
_pdbx_nmr_representative.conformer_id         1 
_pdbx_nmr_representative.selection_criteria   'lowest energy' 
# 
loop_
_pdbx_nmr_sample_details.solution_id 
_pdbx_nmr_sample_details.contents 
_pdbx_nmr_sample_details.solvent_system 
_pdbx_nmr_sample_details.label 
_pdbx_nmr_sample_details.type 
_pdbx_nmr_sample_details.details 
1 '1.5 mM sample in 100 mM NaCl, 50 mM phosphate pH 7.4, D2O' D2O ? ? ? 
2 '1.5 mM sample in 100 mM NaCl, 50 mM phosphate pH 7.4, H2O' H2O ? ? ? 
# 
loop_
_pdbx_nmr_exptl_sample_conditions.conditions_id 
_pdbx_nmr_exptl_sample_conditions.temperature 
_pdbx_nmr_exptl_sample_conditions.pressure 
_pdbx_nmr_exptl_sample_conditions.pH 
_pdbx_nmr_exptl_sample_conditions.ionic_strength 
_pdbx_nmr_exptl_sample_conditions.pressure_units 
_pdbx_nmr_exptl_sample_conditions.temperature_units 
_pdbx_nmr_exptl_sample_conditions.label 
_pdbx_nmr_exptl_sample_conditions.pH_units 
_pdbx_nmr_exptl_sample_conditions.ionic_strength_units 
1 293 normal 7.4 '100 mM NaCl' ? K ? ? ? 
2 273 normal 7.4 '100 mM NaCl' ? K ? ? ? 
# 
loop_
_pdbx_nmr_exptl.experiment_id 
_pdbx_nmr_exptl.solution_id 
_pdbx_nmr_exptl.conditions_id 
_pdbx_nmr_exptl.type 
1 1 1 DQF-COSY        
2 1 1 '2D TOCSY'      
3 1 1 '2D NOESY'      
4 2 2 JR-NOESY        
5 1 1 '31P,1H HETCOR' 
# 
_pdbx_nmr_details.entry_id   1XCI 
_pdbx_nmr_details.text       'Structure determined using standard NMR techniques' 
# 
_pdbx_nmr_refine.entry_id           1XCI 
_pdbx_nmr_refine.method             'distance geometry, simulated annealing, molecular dynamics' 
_pdbx_nmr_refine.details            ? 
_pdbx_nmr_refine.software_ordinal   1 
# 
_pdbx_nmr_software.name             X-PLOR 
_pdbx_nmr_software.version          2.1 
_pdbx_nmr_software.classification   refinement 
_pdbx_nmr_software.authors          Brunger 
_pdbx_nmr_software.ordinal          1 
# 
loop_
_chem_comp_atom.comp_id 
_chem_comp_atom.atom_id 
_chem_comp_atom.type_symbol 
_chem_comp_atom.pdbx_aromatic_flag 
_chem_comp_atom.pdbx_stereo_config 
_chem_comp_atom.pdbx_ordinal 
DA  OP3    O N N 1   
DA  P      P N N 2   
DA  OP1    O N N 3   
DA  OP2    O N N 4   
DA  "O5'"  O N N 5   
DA  "C5'"  C N N 6   
DA  "C4'"  C N R 7   
DA  "O4'"  O N N 8   
DA  "C3'"  C N S 9   
DA  "O3'"  O N N 10  
DA  "C2'"  C N N 11  
DA  "C1'"  C N R 12  
DA  N9     N Y N 13  
DA  C8     C Y N 14  
DA  N7     N Y N 15  
DA  C5     C Y N 16  
DA  C6     C Y N 17  
DA  N6     N N N 18  
DA  N1     N Y N 19  
DA  C2     C Y N 20  
DA  N3     N Y N 21  
DA  C4     C Y N 22  
DA  HOP3   H N N 23  
DA  HOP2   H N N 24  
DA  "H5'"  H N N 25  
DA  "H5''" H N N 26  
DA  "H4'"  H N N 27  
DA  "H3'"  H N N 28  
DA  "HO3'" H N N 29  
DA  "H2'"  H N N 30  
DA  "H2''" H N N 31  
DA  "H1'"  H N N 32  
DA  H8     H N N 33  
DA  H61    H N N 34  
DA  H62    H N N 35  
DA  H2     H N N 36  
DC  OP3    O N N 37  
DC  P      P N N 38  
DC  OP1    O N N 39  
DC  OP2    O N N 40  
DC  "O5'"  O N N 41  
DC  "C5'"  C N N 42  
DC  "C4'"  C N R 43  
DC  "O4'"  O N N 44  
DC  "C3'"  C N S 45  
DC  "O3'"  O N N 46  
DC  "C2'"  C N N 47  
DC  "C1'"  C N R 48  
DC  N1     N N N 49  
DC  C2     C N N 50  
DC  O2     O N N 51  
DC  N3     N N N 52  
DC  C4     C N N 53  
DC  N4     N N N 54  
DC  C5     C N N 55  
DC  C6     C N N 56  
DC  HOP3   H N N 57  
DC  HOP2   H N N 58  
DC  "H5'"  H N N 59  
DC  "H5''" H N N 60  
DC  "H4'"  H N N 61  
DC  "H3'"  H N N 62  
DC  "HO3'" H N N 63  
DC  "H2'"  H N N 64  
DC  "H2''" H N N 65  
DC  "H1'"  H N N 66  
DC  H41    H N N 67  
DC  H42    H N N 68  
DC  H5     H N N 69  
DC  H6     H N N 70  
DG  OP3    O N N 71  
DG  P      P N N 72  
DG  OP1    O N N 73  
DG  OP2    O N N 74  
DG  "O5'"  O N N 75  
DG  "C5'"  C N N 76  
DG  "C4'"  C N R 77  
DG  "O4'"  O N N 78  
DG  "C3'"  C N S 79  
DG  "O3'"  O N N 80  
DG  "C2'"  C N N 81  
DG  "C1'"  C N R 82  
DG  N9     N Y N 83  
DG  C8     C Y N 84  
DG  N7     N Y N 85  
DG  C5     C Y N 86  
DG  C6     C N N 87  
DG  O6     O N N 88  
DG  N1     N N N 89  
DG  C2     C N N 90  
DG  N2     N N N 91  
DG  N3     N N N 92  
DG  C4     C Y N 93  
DG  HOP3   H N N 94  
DG  HOP2   H N N 95  
DG  "H5'"  H N N 96  
DG  "H5''" H N N 97  
DG  "H4'"  H N N 98  
DG  "H3'"  H N N 99  
DG  "HO3'" H N N 100 
DG  "H2'"  H N N 101 
DG  "H2''" H N N 102 
DG  "H1'"  H N N 103 
DG  H8     H N N 104 
DG  H1     H N N 105 
DG  H21    H N N 106 
DG  H22    H N N 107 
DT  OP3    O N N 108 
DT  P      P N N 109 
DT  OP1    O N N 110 
DT  OP2    O N N 111 
DT  "O5'"  O N N 112 
DT  "C5'"  C N N 113 
DT  "C4'"  C N R 114 
DT  "O4'"  O N N 115 
DT  "C3'"  C N S 116 
DT  "O3'"  O N N 117 
DT  "C2'"  C N N 118 
DT  "C1'"  C N R 119 
DT  N1     N N N 120 
DT  C2     C N N 121 
DT  O2     O N N 122 
DT  N3     N N N 123 
DT  C4     C N N 124 
DT  O4     O N N 125 
DT  C5     C N N 126 
DT  C7     C N N 127 
DT  C6     C N N 128 
DT  HOP3   H N N 129 
DT  HOP2   H N N 130 
DT  "H5'"  H N N 131 
DT  "H5''" H N N 132 
DT  "H4'"  H N N 133 
DT  "H3'"  H N N 134 
DT  "HO3'" H N N 135 
DT  "H2'"  H N N 136 
DT  "H2''" H N N 137 
DT  "H1'"  H N N 138 
DT  H3     H N N 139 
DT  H71    H N N 140 
DT  H72    H N N 141 
DT  H73    H N N 142 
DT  H6     H N N 143 
TTM P      P N N 144 
TTM OP1    O N N 145 
TTM OP2    O N N 146 
TTM "O5'"  O N N 147 
TTM "C5'"  C N N 148 
TTM "C4'"  C N R 149 
TTM "O4'"  O N N 150 
TTM "C1'"  C N R 151 
TTM N1     N N N 152 
TTM C6     C N N 153 
TTM C2     C N N 154 
TTM O2     O N N 155 
TTM N3     N N N 156 
TTM C1Q    C N N 157 
TTM C2Q    C N N 158 
TTM C4     C N N 159 
TTM O4     O N N 160 
TTM C5     C N N 161 
TTM C5M    C N N 162 
TTM "C2'"  C N N 163 
TTM "C3'"  C N S 164 
TTM "O3'"  O N N 165 
TTM OP3    O N N 166 
TTM HOP2   H N N 167 
TTM "H5'"  H N N 168 
TTM "H5''" H N N 169 
TTM "H4'"  H N N 170 
TTM "H1'"  H N N 171 
TTM H6     H N N 172 
TTM H1Q    H N N 173 
TTM H2Q    H N N 174 
TTM H2     H N N 175 
TTM H3Q    H N N 176 
TTM H4Q    H N N 177 
TTM H71    H N N 178 
TTM H72    H N N 179 
TTM H73    H N N 180 
TTM "H2'"  H N N 181 
TTM "H2''" H N N 182 
TTM "H3'"  H N N 183 
TTM "HO3'" H N N 184 
TTM HOP3   H N N 185 
# 
loop_
_chem_comp_bond.comp_id 
_chem_comp_bond.atom_id_1 
_chem_comp_bond.atom_id_2 
_chem_comp_bond.value_order 
_chem_comp_bond.pdbx_aromatic_flag 
_chem_comp_bond.pdbx_stereo_config 
_chem_comp_bond.pdbx_ordinal 
DA  OP3   P      sing N N 1   
DA  OP3   HOP3   sing N N 2   
DA  P     OP1    doub N N 3   
DA  P     OP2    sing N N 4   
DA  P     "O5'"  sing N N 5   
DA  OP2   HOP2   sing N N 6   
DA  "O5'" "C5'"  sing N N 7   
DA  "C5'" "C4'"  sing N N 8   
DA  "C5'" "H5'"  sing N N 9   
DA  "C5'" "H5''" sing N N 10  
DA  "C4'" "O4'"  sing N N 11  
DA  "C4'" "C3'"  sing N N 12  
DA  "C4'" "H4'"  sing N N 13  
DA  "O4'" "C1'"  sing N N 14  
DA  "C3'" "O3'"  sing N N 15  
DA  "C3'" "C2'"  sing N N 16  
DA  "C3'" "H3'"  sing N N 17  
DA  "O3'" "HO3'" sing N N 18  
DA  "C2'" "C1'"  sing N N 19  
DA  "C2'" "H2'"  sing N N 20  
DA  "C2'" "H2''" sing N N 21  
DA  "C1'" N9     sing N N 22  
DA  "C1'" "H1'"  sing N N 23  
DA  N9    C8     sing Y N 24  
DA  N9    C4     sing Y N 25  
DA  C8    N7     doub Y N 26  
DA  C8    H8     sing N N 27  
DA  N7    C5     sing Y N 28  
DA  C5    C6     sing Y N 29  
DA  C5    C4     doub Y N 30  
DA  C6    N6     sing N N 31  
DA  C6    N1     doub Y N 32  
DA  N6    H61    sing N N 33  
DA  N6    H62    sing N N 34  
DA  N1    C2     sing Y N 35  
DA  C2    N3     doub Y N 36  
DA  C2    H2     sing N N 37  
DA  N3    C4     sing Y N 38  
DC  OP3   P      sing N N 39  
DC  OP3   HOP3   sing N N 40  
DC  P     OP1    doub N N 41  
DC  P     OP2    sing N N 42  
DC  P     "O5'"  sing N N 43  
DC  OP2   HOP2   sing N N 44  
DC  "O5'" "C5'"  sing N N 45  
DC  "C5'" "C4'"  sing N N 46  
DC  "C5'" "H5'"  sing N N 47  
DC  "C5'" "H5''" sing N N 48  
DC  "C4'" "O4'"  sing N N 49  
DC  "C4'" "C3'"  sing N N 50  
DC  "C4'" "H4'"  sing N N 51  
DC  "O4'" "C1'"  sing N N 52  
DC  "C3'" "O3'"  sing N N 53  
DC  "C3'" "C2'"  sing N N 54  
DC  "C3'" "H3'"  sing N N 55  
DC  "O3'" "HO3'" sing N N 56  
DC  "C2'" "C1'"  sing N N 57  
DC  "C2'" "H2'"  sing N N 58  
DC  "C2'" "H2''" sing N N 59  
DC  "C1'" N1     sing N N 60  
DC  "C1'" "H1'"  sing N N 61  
DC  N1    C2     sing N N 62  
DC  N1    C6     sing N N 63  
DC  C2    O2     doub N N 64  
DC  C2    N3     sing N N 65  
DC  N3    C4     doub N N 66  
DC  C4    N4     sing N N 67  
DC  C4    C5     sing N N 68  
DC  N4    H41    sing N N 69  
DC  N4    H42    sing N N 70  
DC  C5    C6     doub N N 71  
DC  C5    H5     sing N N 72  
DC  C6    H6     sing N N 73  
DG  OP3   P      sing N N 74  
DG  OP3   HOP3   sing N N 75  
DG  P     OP1    doub N N 76  
DG  P     OP2    sing N N 77  
DG  P     "O5'"  sing N N 78  
DG  OP2   HOP2   sing N N 79  
DG  "O5'" "C5'"  sing N N 80  
DG  "C5'" "C4'"  sing N N 81  
DG  "C5'" "H5'"  sing N N 82  
DG  "C5'" "H5''" sing N N 83  
DG  "C4'" "O4'"  sing N N 84  
DG  "C4'" "C3'"  sing N N 85  
DG  "C4'" "H4'"  sing N N 86  
DG  "O4'" "C1'"  sing N N 87  
DG  "C3'" "O3'"  sing N N 88  
DG  "C3'" "C2'"  sing N N 89  
DG  "C3'" "H3'"  sing N N 90  
DG  "O3'" "HO3'" sing N N 91  
DG  "C2'" "C1'"  sing N N 92  
DG  "C2'" "H2'"  sing N N 93  
DG  "C2'" "H2''" sing N N 94  
DG  "C1'" N9     sing N N 95  
DG  "C1'" "H1'"  sing N N 96  
DG  N9    C8     sing Y N 97  
DG  N9    C4     sing Y N 98  
DG  C8    N7     doub Y N 99  
DG  C8    H8     sing N N 100 
DG  N7    C5     sing Y N 101 
DG  C5    C6     sing N N 102 
DG  C5    C4     doub Y N 103 
DG  C6    O6     doub N N 104 
DG  C6    N1     sing N N 105 
DG  N1    C2     sing N N 106 
DG  N1    H1     sing N N 107 
DG  C2    N2     sing N N 108 
DG  C2    N3     doub N N 109 
DG  N2    H21    sing N N 110 
DG  N2    H22    sing N N 111 
DG  N3    C4     sing N N 112 
DT  OP3   P      sing N N 113 
DT  OP3   HOP3   sing N N 114 
DT  P     OP1    doub N N 115 
DT  P     OP2    sing N N 116 
DT  P     "O5'"  sing N N 117 
DT  OP2   HOP2   sing N N 118 
DT  "O5'" "C5'"  sing N N 119 
DT  "C5'" "C4'"  sing N N 120 
DT  "C5'" "H5'"  sing N N 121 
DT  "C5'" "H5''" sing N N 122 
DT  "C4'" "O4'"  sing N N 123 
DT  "C4'" "C3'"  sing N N 124 
DT  "C4'" "H4'"  sing N N 125 
DT  "O4'" "C1'"  sing N N 126 
DT  "C3'" "O3'"  sing N N 127 
DT  "C3'" "C2'"  sing N N 128 
DT  "C3'" "H3'"  sing N N 129 
DT  "O3'" "HO3'" sing N N 130 
DT  "C2'" "C1'"  sing N N 131 
DT  "C2'" "H2'"  sing N N 132 
DT  "C2'" "H2''" sing N N 133 
DT  "C1'" N1     sing N N 134 
DT  "C1'" "H1'"  sing N N 135 
DT  N1    C2     sing N N 136 
DT  N1    C6     sing N N 137 
DT  C2    O2     doub N N 138 
DT  C2    N3     sing N N 139 
DT  N3    C4     sing N N 140 
DT  N3    H3     sing N N 141 
DT  C4    O4     doub N N 142 
DT  C4    C5     sing N N 143 
DT  C5    C7     sing N N 144 
DT  C5    C6     doub N N 145 
DT  C7    H71    sing N N 146 
DT  C7    H72    sing N N 147 
DT  C7    H73    sing N N 148 
DT  C6    H6     sing N N 149 
TTM P     OP1    doub N N 150 
TTM P     OP2    sing N N 151 
TTM P     "O5'"  sing N N 152 
TTM P     OP3    sing N N 153 
TTM OP2   HOP2   sing N N 154 
TTM "O5'" "C5'"  sing N N 155 
TTM "C5'" "C4'"  sing N N 156 
TTM "C5'" "H5'"  sing N N 157 
TTM "C5'" "H5''" sing N N 158 
TTM "C4'" "O4'"  sing N N 159 
TTM "C4'" "C3'"  sing N N 160 
TTM "C4'" "H4'"  sing N N 161 
TTM "O4'" "C1'"  sing N N 162 
TTM "C1'" N1     sing N N 163 
TTM "C1'" "C2'"  sing N N 164 
TTM "C1'" "H1'"  sing N N 165 
TTM N1    C6     sing N N 166 
TTM N1    C2     sing N N 167 
TTM C6    C5     doub N N 168 
TTM C6    H6     sing N N 169 
TTM C2    O2     doub N N 170 
TTM C2    N3     sing N N 171 
TTM N3    C1Q    sing N N 172 
TTM N3    C4     sing N N 173 
TTM C1Q   C2Q    sing N N 174 
TTM C1Q   H1Q    sing N N 175 
TTM C1Q   H2Q    sing N N 176 
TTM C2Q   H2     sing N N 177 
TTM C2Q   H3Q    sing N N 178 
TTM C2Q   H4Q    sing N N 179 
TTM C4    O4     doub N N 180 
TTM C4    C5     sing N N 181 
TTM C5    C5M    sing N N 182 
TTM C5M   H71    sing N N 183 
TTM C5M   H72    sing N N 184 
TTM C5M   H73    sing N N 185 
TTM "C2'" "C3'"  sing N N 186 
TTM "C2'" "H2'"  sing N N 187 
TTM "C2'" "H2''" sing N N 188 
TTM "C3'" "O3'"  sing N N 189 
TTM "C3'" "H3'"  sing N N 190 
TTM "O3'" "HO3'" sing N N 191 
TTM OP3   HOP3   sing N N 192 
# 
loop_
_ndb_struct_conf_na.entry_id 
_ndb_struct_conf_na.feature 
1XCI 'double helix'        
1XCI 'b-form double helix' 
# 
loop_
_ndb_struct_na_base_pair.model_number 
_ndb_struct_na_base_pair.i_label_asym_id 
_ndb_struct_na_base_pair.i_label_comp_id 
_ndb_struct_na_base_pair.i_label_seq_id 
_ndb_struct_na_base_pair.i_symmetry 
_ndb_struct_na_base_pair.j_label_asym_id 
_ndb_struct_na_base_pair.j_label_comp_id 
_ndb_struct_na_base_pair.j_label_seq_id 
_ndb_struct_na_base_pair.j_symmetry 
_ndb_struct_na_base_pair.shear 
_ndb_struct_na_base_pair.stretch 
_ndb_struct_na_base_pair.stagger 
_ndb_struct_na_base_pair.buckle 
_ndb_struct_na_base_pair.propeller 
_ndb_struct_na_base_pair.opening 
_ndb_struct_na_base_pair.pair_number 
_ndb_struct_na_base_pair.pair_name 
_ndb_struct_na_base_pair.i_auth_asym_id 
_ndb_struct_na_base_pair.i_auth_seq_id 
_ndb_struct_na_base_pair.i_PDB_ins_code 
_ndb_struct_na_base_pair.j_auth_asym_id 
_ndb_struct_na_base_pair.j_auth_seq_id 
_ndb_struct_na_base_pair.j_PDB_ins_code 
_ndb_struct_na_base_pair.hbond_type_28 
_ndb_struct_na_base_pair.hbond_type_12 
1 A DC 1  1_555 B DG 11 1_555 0.388  -0.201 0.008  -0.250 -0.506 -1.073 1  A_DC1:DG11_B A 1  ? B 11 ? 19 1 
1 A DG 2  1_555 B DC 10 1_555 -0.247 -0.203 -0.032 -0.282 -0.848 -0.318 2  A_DG2:DC10_B A 2  ? B 10 ? 19 1 
1 A DA 3  1_555 B DT 9  1_555 -0.255 -0.213 0.040  0.161  0.748  -1.797 3  A_DA3:DT9_B  A 3  ? B 9  ? 20 1 
1 A DA 4  1_555 B DT 8  1_555 0.417  -0.082 -0.015 0.014  -0.259 -5.386 4  A_DA4:DT8_B  A 4  ? B 8  ? 20 1 
1 A DA 5  1_555 B DT 7  1_555 -0.248 -0.195 0.058  1.128  0.345  -5.851 5  A_DA5:DT7_B  A 5  ? B 7  ? 20 1 
1 A DT 7  1_555 B DA 5  1_555 0.244  -0.199 -0.034 -1.570 2.514  -5.527 6  A_DT7:DA5_B  A 7  ? B 5  ? 20 1 
1 A DT 8  1_555 B DA 4  1_555 -0.363 -0.092 0.016  -0.879 0.928  -4.647 7  A_DT8:DA4_B  A 8  ? B 4  ? 20 1 
1 A DT 9  1_555 B DA 3  1_555 0.253  -0.211 0.039  -0.100 0.705  -4.006 8  A_DT9:DA3_B  A 9  ? B 3  ? 20 1 
1 A DC 10 1_555 B DG 2  1_555 0.239  -0.204 -0.023 0.128  -0.683 -1.429 9  A_DC10:DG2_B A 10 ? B 2  ? 19 1 
1 A DG 11 1_555 B DC 1  1_555 -0.541 -0.233 0.019  0.488  -0.583 -0.204 10 A_DG11:DC1_B A 11 ? B 1  ? 19 1 
# 
loop_
_ndb_struct_na_base_pair_step.model_number 
_ndb_struct_na_base_pair_step.i_label_asym_id_1 
_ndb_struct_na_base_pair_step.i_label_comp_id_1 
_ndb_struct_na_base_pair_step.i_label_seq_id_1 
_ndb_struct_na_base_pair_step.i_symmetry_1 
_ndb_struct_na_base_pair_step.j_label_asym_id_1 
_ndb_struct_na_base_pair_step.j_label_comp_id_1 
_ndb_struct_na_base_pair_step.j_label_seq_id_1 
_ndb_struct_na_base_pair_step.j_symmetry_1 
_ndb_struct_na_base_pair_step.i_label_asym_id_2 
_ndb_struct_na_base_pair_step.i_label_comp_id_2 
_ndb_struct_na_base_pair_step.i_label_seq_id_2 
_ndb_struct_na_base_pair_step.i_symmetry_2 
_ndb_struct_na_base_pair_step.j_label_asym_id_2 
_ndb_struct_na_base_pair_step.j_label_comp_id_2 
_ndb_struct_na_base_pair_step.j_label_seq_id_2 
_ndb_struct_na_base_pair_step.j_symmetry_2 
_ndb_struct_na_base_pair_step.shift 
_ndb_struct_na_base_pair_step.slide 
_ndb_struct_na_base_pair_step.rise 
_ndb_struct_na_base_pair_step.tilt 
_ndb_struct_na_base_pair_step.roll 
_ndb_struct_na_base_pair_step.twist 
_ndb_struct_na_base_pair_step.x_displacement 
_ndb_struct_na_base_pair_step.y_displacement 
_ndb_struct_na_base_pair_step.helical_rise 
_ndb_struct_na_base_pair_step.inclination 
_ndb_struct_na_base_pair_step.tip 
_ndb_struct_na_base_pair_step.helical_twist 
_ndb_struct_na_base_pair_step.step_number 
_ndb_struct_na_base_pair_step.step_name 
_ndb_struct_na_base_pair_step.i_auth_asym_id_1 
_ndb_struct_na_base_pair_step.i_auth_seq_id_1 
_ndb_struct_na_base_pair_step.i_PDB_ins_code_1 
_ndb_struct_na_base_pair_step.j_auth_asym_id_1 
_ndb_struct_na_base_pair_step.j_auth_seq_id_1 
_ndb_struct_na_base_pair_step.j_PDB_ins_code_1 
_ndb_struct_na_base_pair_step.i_auth_asym_id_2 
_ndb_struct_na_base_pair_step.i_auth_seq_id_2 
_ndb_struct_na_base_pair_step.i_PDB_ins_code_2 
_ndb_struct_na_base_pair_step.j_auth_asym_id_2 
_ndb_struct_na_base_pair_step.j_auth_seq_id_2 
_ndb_struct_na_base_pair_step.j_PDB_ins_code_2 
1 A DC 1  1_555 B DG 11 1_555 A DG 2  1_555 B DC 10 1_555 0.310  1.229  2.966 1.910  -2.131  44.147 1.811  -0.251 2.917 -2.831  
-2.538 44.235 1 AA_DC1DG2:DC10DG11_BB A 1  ? B 11 ? A 2  ? B 10 ? 
1 A DG 2  1_555 B DC 10 1_555 A DA 3  1_555 B DT 9  1_555 0.210  0.170  3.344 0.222  -16.035 48.280 1.350  -0.229 3.143 -19.004 
-0.263 50.722 2 AA_DG2DA3:DT9DC10_BB  A 2  ? B 10 ? A 3  ? B 9  ? 
1 A DA 3  1_555 B DT 9  1_555 A DA 4  1_555 B DT 8  1_555 0.116  -0.120 3.290 -2.303 4.074   34.645 -0.817 -0.543 3.241 6.802   
3.846  34.950 3 AA_DA3DA4:DT8DT9_BB   A 3  ? B 9  ? A 4  ? B 8  ? 
1 A DA 4  1_555 B DT 8  1_555 A DA 5  1_555 B DT 7  1_555 0.127  -0.852 3.126 -2.113 -1.818  33.960 -1.176 -0.539 3.153 -3.106  
3.610  34.070 4 AA_DA4DA5:DT7DT8_BB   A 4  ? B 8  ? A 5  ? B 7  ? 
1 A DT 7  1_555 B DA 5  1_555 A DT 8  1_555 B DA 4  1_555 0.124  -1.256 3.420 0.074  -13.777 35.950 0.012  -0.179 3.643 -21.379 
-0.115 38.418 5 AA_DT7DT8:DA4DA5_BB   A 7  ? B 5  ? A 8  ? B 4  ? 
1 A DT 8  1_555 B DA 4  1_555 A DT 9  1_555 B DA 3  1_555 -0.467 -0.459 3.397 3.831  5.093   32.334 -1.694 1.490  3.214 9.035   
-6.797 32.940 6 AA_DT8DT9:DA3DA4_BB   A 8  ? B 4  ? A 9  ? B 3  ? 
1 A DT 9  1_555 B DA 3  1_555 A DC 10 1_555 B DG 2  1_555 0.393  -0.241 3.395 -0.490 -17.116 46.925 1.037  -0.505 3.286 -20.704 
0.592  49.785 7 AA_DT9DC10:DG2DA3_BB  A 9  ? B 3  ? A 10 ? B 2  ? 
1 A DC 10 1_555 B DG 2  1_555 A DG 11 1_555 B DC 1  1_555 -0.406 1.432  2.977 -2.198 -3.793  44.134 2.212  0.355  2.866 -5.033  
2.916  44.341 8 AA_DC10DG11:DC1DG2_BB A 10 ? B 2  ? A 11 ? B 1  ? 
# 
_pdbx_nmr_spectrometer.spectrometer_id   1 
_pdbx_nmr_spectrometer.type              ? 
_pdbx_nmr_spectrometer.manufacturer      Varian 
_pdbx_nmr_spectrometer.model             INOVA 
_pdbx_nmr_spectrometer.field_strength    800 
# 
_atom_sites.entry_id                    1XCI 
_atom_sites.fract_transf_matrix[1][1]   1.000000 
_atom_sites.fract_transf_matrix[1][2]   0.000000 
_atom_sites.fract_transf_matrix[1][3]   0.000000 
_atom_sites.fract_transf_matrix[2][1]   0.000000 
_atom_sites.fract_transf_matrix[2][2]   1.000000 
_atom_sites.fract_transf_matrix[2][3]   0.000000 
_atom_sites.fract_transf_matrix[3][1]   0.000000 
_atom_sites.fract_transf_matrix[3][2]   0.000000 
_atom_sites.fract_transf_matrix[3][3]   1.000000 
_atom_sites.fract_transf_vector[1]      0.00000 
_atom_sites.fract_transf_vector[2]      0.00000 
_atom_sites.fract_transf_vector[3]      0.00000 
# 
loop_
_atom_type.symbol 
C 
H 
N 
O 
P 
# 
loop_
_atom_site.group_PDB 
_atom_site.id 
_atom_site.type_symbol 
_atom_site.label_atom_id 
_atom_site.label_alt_id 
_atom_site.label_comp_id 
_atom_site.label_asym_id 
_atom_site.label_entity_id 
_atom_site.label_seq_id 
_atom_site.pdbx_PDB_ins_code 
_atom_site.Cartn_x 
_atom_site.Cartn_y 
_atom_site.Cartn_z 
_atom_site.occupancy 
_atom_site.B_iso_or_equiv 
_atom_site.pdbx_formal_charge 
_atom_site.auth_seq_id 
_atom_site.auth_comp_id 
_atom_site.auth_asym_id 
_atom_site.auth_atom_id 
_atom_site.pdbx_PDB_model_num 
ATOM   1   O "O5'"  . DC  A 1 1  ? -11.557 4.886   18.004  1.00 0.58 ? 1  DC  A "O5'"  1 
ATOM   2   C "C5'"  . DC  A 1 1  ? -11.264 3.531   17.673  1.00 0.51 ? 1  DC  A "C5'"  1 
ATOM   3   C "C4'"  . DC  A 1 1  ? -9.762  3.330   17.510  1.00 0.40 ? 1  DC  A "C4'"  1 
ATOM   4   O "O4'"  . DC  A 1 1  ? -9.530  1.980   17.119  1.00 0.36 ? 1  DC  A "O4'"  1 
ATOM   5   C "C3'"  . DC  A 1 1  ? -9.030  4.146   16.441  1.00 0.40 ? 1  DC  A "C3'"  1 
ATOM   6   O "O3'"  . DC  A 1 1  ? -7.600  4.138   16.426  1.00 0.35 ? 1  DC  A "O3'"  1 
ATOM   7   C "C2'"  . DC  A 1 1  ? -9.451  3.321   15.236  1.00 0.38 ? 1  DC  A "C2'"  1 
ATOM   8   C "C1'"  . DC  A 1 1  ? -8.997  1.962   15.789  1.00 0.31 ? 1  DC  A "C1'"  1 
ATOM   9   N N1     . DC  A 1 1  ? -9.549  0.754   15.110  1.00 0.28 ? 1  DC  A N1     1 
ATOM   10  C C2     . DC  A 1 1  ? -8.854  -0.433  15.253  1.00 0.25 ? 1  DC  A C2     1 
ATOM   11  O O2     . DC  A 1 1  ? -7.817  -0.495  15.899  1.00 0.25 ? 1  DC  A O2     1 
ATOM   12  N N3     . DC  A 1 1  ? -9.342  -1.555  14.656  1.00 0.23 ? 1  DC  A N3     1 
ATOM   13  C C4     . DC  A 1 1  ? -10.472 -1.533  13.937  1.00 0.25 ? 1  DC  A C4     1 
ATOM   14  N N4     . DC  A 1 1  ? -10.903 -2.674  13.376  1.00 0.25 ? 1  DC  A N4     1 
ATOM   15  C C5     . DC  A 1 1  ? -11.204 -0.310  13.779  1.00 0.28 ? 1  DC  A C5     1 
ATOM   16  C C6     . DC  A 1 1  ? -10.708 0.798   14.378  1.00 0.29 ? 1  DC  A C6     1 
ATOM   17  H "H5'"  . DC  A 1 1  ? -11.791 3.266   16.757  1.00 0.55 ? 1  DC  A "H5'"  1 
ATOM   18  H "H5''" . DC  A 1 1  ? -11.617 2.888   18.479  1.00 0.56 ? 1  DC  A "H5''" 1 
ATOM   19  H "H4'"  . DC  A 1 1  ? -9.301  3.488   18.486  1.00 0.43 ? 1  DC  A "H4'"  1 
ATOM   20  H "H3'"  . DC  A 1 1  ? -9.388  5.175   16.426  1.00 0.47 ? 1  DC  A "H3'"  1 
ATOM   21  H "H2'"  . DC  A 1 1  ? -10.528 3.405   15.109  1.00 0.44 ? 1  DC  A "H2'"  1 
ATOM   22  H "H2''" . DC  A 1 1  ? -8.929  3.580   14.315  1.00 0.39 ? 1  DC  A "H2''" 1 
ATOM   23  H "H1'"  . DC  A 1 1  ? -7.905  1.934   15.893  1.00 0.31 ? 1  DC  A "H1'"  1 
ATOM   24  H H41    . DC  A 1 1  ? -10.355 -3.535  13.494  1.00 0.24 ? 1  DC  A H41    1 
ATOM   25  H H42    . DC  A 1 1  ? -11.760 -2.697  12.843  1.00 0.28 ? 1  DC  A H42    1 
ATOM   26  H H5     . DC  A 1 1  ? -12.129 -0.267  13.201  1.00 0.29 ? 1  DC  A H5     1 
ATOM   27  H H6     . DC  A 1 1  ? -11.258 1.729   14.261  1.00 0.34 ? 1  DC  A H6     1 
ATOM   28  H "HO5'" . DC  A 1 1  ? -10.973 5.110   18.733  1.00 0.96 ? 1  DC  A "HO5'" 1 
ATOM   29  P P      . DG  A 1 2  ? -6.682  4.038   17.745  1.00 0.35 ? 2  DG  A P      1 
ATOM   30  O OP1    . DG  A 1 2  ? -7.538  4.081   18.952  1.00 0.40 ? 2  DG  A OP1    1 
ATOM   31  O OP2    . DG  A 1 2  ? -5.573  5.008   17.602  1.00 0.38 ? 2  DG  A OP2    1 
ATOM   32  O "O5'"  . DG  A 1 2  ? -6.084  2.574   17.579  1.00 0.31 ? 2  DG  A "O5'"  1 
ATOM   33  C "C5'"  . DG  A 1 2  ? -5.033  2.175   18.444  1.00 0.31 ? 2  DG  A "C5'"  1 
ATOM   34  C "C4'"  . DG  A 1 2  ? -3.812  1.716   17.690  1.00 0.27 ? 2  DG  A "C4'"  1 
ATOM   35  O "O4'"  . DG  A 1 2  ? -4.318  0.990   16.586  1.00 0.24 ? 2  DG  A "O4'"  1 
ATOM   36  C "C3'"  . DG  A 1 2  ? -2.926  2.729   17.106  1.00 0.28 ? 2  DG  A "C3'"  1 
ATOM   37  O "O3'"  . DG  A 1 2  ? -1.652  2.284   16.598  1.00 0.29 ? 2  DG  A "O3'"  1 
ATOM   38  C "C2'"  . DG  A 1 2  ? -3.731  3.088   15.916  1.00 0.27 ? 2  DG  A "C2'"  1 
ATOM   39  C "C1'"  . DG  A 1 2  ? -3.955  1.685   15.394  1.00 0.23 ? 2  DG  A "C1'"  1 
ATOM   40  N N9     . DG  A 1 2  ? -5.120  1.510   14.513  1.00 0.22 ? 2  DG  A N9     1 
ATOM   41  C C8     . DG  A 1 2  ? -6.049  2.406   14.051  1.00 0.24 ? 2  DG  A C8     1 
ATOM   42  N N7     . DG  A 1 2  ? -6.969  1.865   13.291  1.00 0.23 ? 2  DG  A N7     1 
ATOM   43  C C5     . DG  A 1 2  ? -6.618  0.523   13.254  1.00 0.21 ? 2  DG  A C5     1 
ATOM   44  C C6     . DG  A 1 2  ? -7.235  -0.565  12.590  1.00 0.20 ? 2  DG  A C6     1 
ATOM   45  O O6     . DG  A 1 2  ? -8.247  -0.548  11.889  1.00 0.22 ? 2  DG  A O6     1 
ATOM   46  N N1     . DG  A 1 2  ? -6.553  -1.763  12.816  1.00 0.18 ? 2  DG  A N1     1 
ATOM   47  C C2     . DG  A 1 2  ? -5.400  -1.887  13.596  1.00 0.18 ? 2  DG  A C2     1 
ATOM   48  N N2     . DG  A 1 2  ? -4.797  -3.070  13.756  1.00 0.18 ? 2  DG  A N2     1 
ATOM   49  N N3     . DG  A 1 2  ? -4.839  -0.848  14.208  1.00 0.20 ? 2  DG  A N3     1 
ATOM   50  C C4     . DG  A 1 2  ? -5.490  0.309   13.997  1.00 0.20 ? 2  DG  A C4     1 
ATOM   51  H "H5'"  . DG  A 1 2  ? -5.313  1.320   19.017  1.00 0.39 ? 2  DG  A "H5'"  1 
ATOM   52  H "H5''" . DG  A 1 2  ? -4.857  2.993   19.130  1.00 0.33 ? 2  DG  A "H5''" 1 
ATOM   53  H "H4'"  . DG  A 1 2  ? -3.149  1.110   18.262  1.00 0.28 ? 2  DG  A "H4'"  1 
ATOM   54  H "H3'"  . DG  A 1 2  ? -2.895  3.458   17.904  1.00 0.31 ? 2  DG  A "H3'"  1 
ATOM   55  H "H2'"  . DG  A 1 2  ? -4.631  3.640   16.173  1.00 0.32 ? 2  DG  A "H2'"  1 
ATOM   56  H "H2''" . DG  A 1 2  ? -3.048  3.613   15.289  1.00 0.32 ? 2  DG  A "H2''" 1 
ATOM   57  H "H1'"  . DG  A 1 2  ? -3.041  1.275   14.966  1.00 0.27 ? 2  DG  A "H1'"  1 
ATOM   58  H H8     . DG  A 1 2  ? -6.013  3.465   14.309  1.00 0.27 ? 2  DG  A H8     1 
ATOM   59  H H1     . DG  A 1 2  ? -6.963  -2.574  12.360  1.00 0.17 ? 2  DG  A H1     1 
ATOM   60  H H21    . DG  A 1 2  ? -5.167  -3.932  13.343  1.00 0.19 ? 2  DG  A H21    1 
ATOM   61  H H22    . DG  A 1 2  ? -3.938  -3.113  14.293  1.00 0.21 ? 2  DG  A H22    1 
ATOM   62  P P      . DA  A 1 3  ? -0.805  1.027   17.177  1.00 0.27 ? 3  DA  A P      1 
ATOM   63  O OP1    . DA  A 1 3  ? -1.195  0.818   18.591  1.00 0.34 ? 3  DA  A OP1    1 
ATOM   64  O OP2    . DA  A 1 3  ? 0.618   1.264   16.848  1.00 0.35 ? 3  DA  A OP2    1 
ATOM   65  O "O5'"  . DA  A 1 3  ? -1.284  -0.248  16.330  1.00 0.30 ? 3  DA  A "O5'"  1 
ATOM   66  C "C5'"  . DA  A 1 3  ? -1.391  -1.508  16.992  1.00 0.26 ? 3  DA  A "C5'"  1 
ATOM   67  C "C4'"  . DA  A 1 3  ? -1.105  -2.685  16.058  1.00 0.23 ? 3  DA  A "C4'"  1 
ATOM   68  O "O4'"  . DA  A 1 3  ? -1.967  -2.563  14.931  1.00 0.21 ? 3  DA  A "O4'"  1 
ATOM   69  C "C3'"  . DA  A 1 3  ? 0.272   -2.795  15.438  1.00 0.24 ? 3  DA  A "C3'"  1 
ATOM   70  O "O3'"  . DA  A 1 3  ? 0.605   -4.071  14.859  1.00 0.27 ? 3  DA  A "O3'"  1 
ATOM   71  C "C2'"  . DA  A 1 3  ? 0.113   -1.775  14.331  1.00 0.22 ? 3  DA  A "C2'"  1 
ATOM   72  C "C1'"  . DA  A 1 3  ? -1.170  -2.356  13.754  1.00 0.20 ? 3  DA  A "C1'"  1 
ATOM   73  N N9     . DA  A 1 3  ? -1.930  -1.439  12.898  1.00 0.18 ? 3  DA  A N9     1 
ATOM   74  C C8     . DA  A 1 3  ? -1.903  -0.073  12.856  1.00 0.19 ? 3  DA  A C8     1 
ATOM   75  N N7     . DA  A 1 3  ? -2.741  0.450   11.996  1.00 0.19 ? 3  DA  A N7     1 
ATOM   76  C C5     . DA  A 1 3  ? -3.360  -0.658  11.436  1.00 0.16 ? 3  DA  A C5     1 
ATOM   77  C C6     . DA  A 1 3  ? -4.351  -0.790  10.461  1.00 0.15 ? 3  DA  A C6     1 
ATOM   78  N N6     . DA  A 1 3  ? -4.899  0.283   9.870   1.00 0.17 ? 3  DA  A N6     1 
ATOM   79  N N1     . DA  A 1 3  ? -4.716  -2.041  10.160  1.00 0.15 ? 3  DA  A N1     1 
ATOM   80  C C2     . DA  A 1 3  ? -4.165  -3.092  10.758  1.00 0.15 ? 3  DA  A C2     1 
ATOM   81  N N3     . DA  A 1 3  ? -3.229  -3.078  11.684  1.00 0.15 ? 3  DA  A N3     1 
ATOM   82  C C4     . DA  A 1 3  ? -2.868  -1.812  11.981  1.00 0.16 ? 3  DA  A C4     1 
ATOM   83  H "H5'"  . DA  A 1 3  ? -2.405  -1.591  17.381  1.00 0.33 ? 3  DA  A "H5'"  1 
ATOM   84  H "H5''" . DA  A 1 3  ? -0.691  -1.516  17.828  1.00 0.29 ? 3  DA  A "H5''" 1 
ATOM   85  H "H4'"  . DA  A 1 3  ? -1.311  -3.635  16.543  1.00 0.28 ? 3  DA  A "H4'"  1 
ATOM   86  H "H3'"  . DA  A 1 3  ? 1.031   -2.474  16.142  1.00 0.31 ? 3  DA  A "H3'"  1 
ATOM   87  H "H2'"  . DA  A 1 3  ? -0.058  -0.795  14.775  1.00 0.27 ? 3  DA  A "H2'"  1 
ATOM   88  H "H2''" . DA  A 1 3  ? 0.938   -1.751  13.620  1.00 0.28 ? 3  DA  A "H2''" 1 
ATOM   89  H "H1'"  . DA  A 1 3  ? -1.009  -3.301  13.250  1.00 0.25 ? 3  DA  A "H1'"  1 
ATOM   90  H H8     . DA  A 1 3  ? -1.223  0.486   13.503  1.00 0.23 ? 3  DA  A H8     1 
ATOM   91  H H61    . DA  A 1 3  ? -5.614  0.345   9.157   1.00 0.19 ? 3  DA  A H61    1 
ATOM   92  H H62    . DA  A 1 3  ? -4.553  1.152   10.180  1.00 0.20 ? 3  DA  A H62    1 
ATOM   93  H H2     . DA  A 1 3  ? -4.528  -4.074  10.453  1.00 0.19 ? 3  DA  A H2     1 
ATOM   94  P P      . DA  A 1 4  ? -0.151  -5.499  15.085  1.00 0.24 ? 4  DA  A P      1 
ATOM   95  O OP1    . DA  A 1 4  ? -1.012  -5.465  16.289  1.00 0.30 ? 4  DA  A OP1    1 
ATOM   96  O OP2    . DA  A 1 4  ? 0.880   -6.557  14.974  1.00 0.32 ? 4  DA  A OP2    1 
ATOM   97  O "O5'"  . DA  A 1 4  ? -1.075  -5.592  13.785  1.00 0.27 ? 4  DA  A "O5'"  1 
ATOM   98  C "C5'"  . DA  A 1 4  ? -1.042  -6.828  13.076  1.00 0.24 ? 4  DA  A "C5'"  1 
ATOM   99  C "C4'"  . DA  A 1 4  ? -0.278  -6.776  11.771  1.00 0.22 ? 4  DA  A "C4'"  1 
ATOM   100 O "O4'"  . DA  A 1 4  ? -0.791  -5.780  10.876  1.00 0.22 ? 4  DA  A "O4'"  1 
ATOM   101 C "C3'"  . DA  A 1 4  ? 1.164   -6.385  11.944  1.00 0.23 ? 4  DA  A "C3'"  1 
ATOM   102 O "O3'"  . DA  A 1 4  ? 2.105   -6.678  10.902  1.00 0.23 ? 4  DA  A "O3'"  1 
ATOM   103 C "C2'"  . DA  A 1 4  ? 0.971   -4.901  11.943  1.00 0.22 ? 4  DA  A "C2'"  1 
ATOM   104 C "C1'"  . DA  A 1 4  ? 0.280   -4.873  10.604  1.00 0.20 ? 4  DA  A "C1'"  1 
ATOM   105 N N9     . DA  A 1 4  ? -0.137  -3.516  10.232  1.00 0.20 ? 4  DA  A N9     1 
ATOM   106 C C8     . DA  A 1 4  ? 0.326   -2.360  10.780  1.00 0.24 ? 4  DA  A C8     1 
ATOM   107 N N7     . DA  A 1 4  ? -0.192  -1.277  10.265  1.00 0.24 ? 4  DA  A N7     1 
ATOM   108 C C5     . DA  A 1 4  ? -1.062  -1.767  9.302   1.00 0.20 ? 4  DA  A C5     1 
ATOM   109 C C6     . DA  A 1 4  ? -1.916  -1.125  8.405   1.00 0.19 ? 4  DA  A C6     1 
ATOM   110 N N6     . DA  A 1 4  ? -2.005  0.206   8.366   1.00 0.23 ? 4  DA  A N6     1 
ATOM   111 N N1     . DA  A 1 4  ? -2.647  -1.897  7.581   1.00 0.16 ? 4  DA  A N1     1 
ATOM   112 C C2     . DA  A 1 4  ? -2.533  -3.224  7.650   1.00 0.14 ? 4  DA  A C2     1 
ATOM   113 N N3     . DA  A 1 4  ? -1.761  -3.934  8.456   1.00 0.15 ? 4  DA  A N3     1 
ATOM   114 C C4     . DA  A 1 4  ? -1.040  -3.133  9.270   1.00 0.18 ? 4  DA  A C4     1 
ATOM   115 H "H5'"  . DA  A 1 4  ? -2.037  -7.160  12.857  1.00 0.29 ? 4  DA  A "H5'"  1 
ATOM   116 H "H5''" . DA  A 1 4  ? -0.558  -7.556  13.725  1.00 0.30 ? 4  DA  A "H5''" 1 
ATOM   117 H "H4'"  . DA  A 1 4  ? -0.362  -7.760  11.312  1.00 0.25 ? 4  DA  A "H4'"  1 
ATOM   118 H "H3'"  . DA  A 1 4  ? 1.434   -6.720  12.930  1.00 0.29 ? 4  DA  A "H3'"  1 
ATOM   119 H "H2'"  . DA  A 1 4  ? 0.254   -4.605  12.692  1.00 0.22 ? 4  DA  A "H2'"  1 
ATOM   120 H "H2''" . DA  A 1 4  ? 1.882   -4.323  12.073  1.00 0.25 ? 4  DA  A "H2''" 1 
ATOM   121 H "H1'"  . DA  A 1 4  ? 0.941   -5.290  9.847   1.00 0.24 ? 4  DA  A "H1'"  1 
ATOM   122 H H8     . DA  A 1 4  ? 1.063   -2.410  11.584  1.00 0.25 ? 4  DA  A H8     1 
ATOM   123 H H61    . DA  A 1 4  ? -2.626  0.664   7.709   1.00 0.25 ? 4  DA  A H61    1 
ATOM   124 H H62    . DA  A 1 4  ? -1.444  0.756   9.002   1.00 0.27 ? 4  DA  A H62    1 
ATOM   125 H H2     . DA  A 1 4  ? -3.148  -3.798  6.957   1.00 0.14 ? 4  DA  A H2     1 
ATOM   126 P P      . DA  A 1 5  ? 1.958   -7.964  9.939   1.00 0.18 ? 5  DA  A P      1 
ATOM   127 O OP1    . DA  A 1 5  ? 1.353   -9.073  10.709  1.00 0.22 ? 5  DA  A OP1    1 
ATOM   128 O OP2    . DA  A 1 5  ? 3.254   -8.168  9.252   1.00 0.25 ? 5  DA  A OP2    1 
ATOM   129 O "O5'"  . DA  A 1 5  ? 0.904   -7.469  8.852   1.00 0.18 ? 5  DA  A "O5'"  1 
ATOM   130 C "C5'"  . DA  A 1 5  ? -0.184  -8.339  8.574   1.00 0.17 ? 5  DA  A "C5'"  1 
ATOM   131 C "C4'"  . DA  A 1 5  ? -0.610  -8.252  7.121   1.00 0.16 ? 5  DA  A "C4'"  1 
ATOM   132 O "O4'"  . DA  A 1 5  ? -0.946  -6.892  6.823   1.00 0.19 ? 5  DA  A "O4'"  1 
ATOM   133 C "C3'"  . DA  A 1 5  ? 0.417   -8.590  6.052   1.00 0.17 ? 5  DA  A "C3'"  1 
ATOM   134 O "O3'"  . DA  A 1 5  ? -0.126  -8.837  4.757   1.00 0.16 ? 5  DA  A "O3'"  1 
ATOM   135 C "C2'"  . DA  A 1 5  ? 1.177   -7.274  6.024   1.00 0.19 ? 5  DA  A "C2'"  1 
ATOM   136 C "C1'"  . DA  A 1 5  ? -0.040  -6.381  5.838   1.00 0.19 ? 5  DA  A "C1'"  1 
ATOM   137 N N9     . DA  A 1 5  ? 0.204   -4.945  6.099   1.00 0.20 ? 5  DA  A N9     1 
ATOM   138 C C8     . DA  A 1 5  ? 1.044   -4.370  7.021   1.00 0.21 ? 5  DA  A C8     1 
ATOM   139 N N7     . DA  A 1 5  ? 1.040   -3.063  7.002   1.00 0.21 ? 5  DA  A N7     1 
ATOM   140 C C5     . DA  A 1 5  ? 0.137   -2.752  6.000   1.00 0.19 ? 5  DA  A C5     1 
ATOM   141 C C6     . DA  A 1 5  ? -0.304  -1.527  5.501   1.00 0.19 ? 5  DA  A C6     1 
ATOM   142 N N6     . DA  A 1 5  ? 0.177   -0.393  6.019   1.00 0.20 ? 5  DA  A N6     1 
ATOM   143 N N1     . DA  A 1 5  ? -1.205  -1.566  4.509   1.00 0.19 ? 5  DA  A N1     1 
ATOM   144 C C2     . DA  A 1 5  ? -1.639  -2.738  4.045   1.00 0.21 ? 5  DA  A C2     1 
ATOM   145 N N3     . DA  A 1 5  ? -1.290  -3.953  4.441   1.00 0.21 ? 5  DA  A N3     1 
ATOM   146 C C4     . DA  A 1 5  ? -0.383  -3.886  5.440   1.00 0.19 ? 5  DA  A C4     1 
ATOM   147 H "H5'"  . DA  A 1 5  ? -1.023  -8.067  9.214   1.00 0.22 ? 5  DA  A "H5'"  1 
ATOM   148 H "H5''" . DA  A 1 5  ? 0.127   -9.356  8.815   1.00 0.20 ? 5  DA  A "H5''" 1 
ATOM   149 H "H4'"  . DA  A 1 5  ? -1.497  -8.871  6.982   1.00 0.23 ? 5  DA  A "H4'"  1 
ATOM   150 H "H3'"  . DA  A 1 5  ? 1.025   -9.448  6.336   1.00 0.19 ? 5  DA  A "H3'"  1 
ATOM   151 H "H2'"  . DA  A 1 5  ? 1.656   -7.107  6.988   1.00 0.21 ? 5  DA  A "H2'"  1 
ATOM   152 H "H2''" . DA  A 1 5  ? 1.888   -7.183  5.201   1.00 0.26 ? 5  DA  A "H2''" 1 
ATOM   153 H "H1'"  . DA  A 1 5  ? -0.447  -6.536  4.840   1.00 0.26 ? 5  DA  A "H1'"  1 
ATOM   154 H H8     . DA  A 1 5  ? 1.656   -4.948  7.714   1.00 0.25 ? 5  DA  A H8     1 
ATOM   155 H H61    . DA  A 1 5  ? 0.012   0.571   5.759   1.00 0.20 ? 5  DA  A H61    1 
ATOM   156 H H62    . DA  A 1 5  ? 0.793   -0.512  6.779   1.00 0.25 ? 5  DA  A H62    1 
ATOM   157 H H2     . DA  A 1 5  ? -2.373  -2.697  3.241   1.00 0.24 ? 5  DA  A H2     1 
HETATM 158 P P      . TTM A 1 6  ? 0.402   -10.171 4.048   1.00 0.17 ? 6  TTM A P      1 
HETATM 159 O OP1    . TTM A 1 6  ? -0.573  -10.597 3.019   1.00 0.20 ? 6  TTM A OP1    1 
HETATM 160 O OP2    . TTM A 1 6  ? 0.793   -11.118 5.117   1.00 0.21 ? 6  TTM A OP2    1 
HETATM 161 O "O5'"  . TTM A 1 6  ? 1.751   -9.678  3.322   1.00 0.20 ? 6  TTM A "O5'"  1 
HETATM 162 C "C5'"  . TTM A 1 6  ? 1.778   -9.367  1.930   1.00 0.20 ? 6  TTM A "C5'"  1 
HETATM 163 C "C4'"  . TTM A 1 6  ? 0.607   -8.533  1.502   1.00 0.20 ? 6  TTM A "C4'"  1 
HETATM 164 O "O4'"  . TTM A 1 6  ? 0.614   -7.314  2.237   1.00 0.20 ? 6  TTM A "O4'"  1 
HETATM 165 C "C1'"  . TTM A 1 6  ? 0.576   -6.299  1.237   1.00 0.21 ? 6  TTM A "C1'"  1 
HETATM 166 N N1     . TTM A 1 6  ? 0.939   -4.972  1.770   1.00 0.19 ? 6  TTM A N1     1 
HETATM 167 C C6     . TTM A 1 6  ? 1.856   -4.858  2.766   1.00 0.21 ? 6  TTM A C6     1 
HETATM 168 C C2     . TTM A 1 6  ? 0.311   -3.862  1.234   1.00 0.18 ? 6  TTM A C2     1 
HETATM 169 O O2     . TTM A 1 6  ? -0.504  -3.972  0.323   1.00 0.20 ? 6  TTM A O2     1 
HETATM 170 N N3     . TTM A 1 6  ? 0.654   -2.621  1.762   1.00 0.18 ? 6  TTM A N3     1 
HETATM 171 C C1Q    . TTM A 1 6  ? 0.039   -1.503  1.248   1.00 0.21 ? 6  TTM A C1Q    1 
HETATM 172 C C2Q    . TTM A 1 6  ? 0.893   -0.657  0.477   1.00 0.20 ? 6  TTM A C2Q    1 
HETATM 173 C C4     . TTM A 1 6  ? 1.581   -2.446  2.782   1.00 0.21 ? 6  TTM A C4     1 
HETATM 174 O O4     . TTM A 1 6  ? 1.838   -1.323  3.212   1.00 0.25 ? 6  TTM A O4     1 
HETATM 175 C C5     . TTM A 1 6  ? 2.185   -3.663  3.271   1.00 0.22 ? 6  TTM A C5     1 
HETATM 176 C C5M    . TTM A 1 6  ? 3.219   -3.582  4.381   1.00 0.28 ? 6  TTM A C5M    1 
HETATM 177 C "C2'"  . TTM A 1 6  ? 1.463   -6.875  0.159   1.00 0.23 ? 6  TTM A "C2'"  1 
HETATM 178 C "C3'"  . TTM A 1 6  ? 0.591   -8.108  0.040   1.00 0.21 ? 6  TTM A "C3'"  1 
HETATM 179 O "O3'"  . TTM A 1 6  ? -0.681  -7.661  -0.427  1.00 0.23 ? 6  TTM A "O3'"  1 
HETATM 180 H "H5'"  . TTM A 1 6  ? 1.692   -10.263 1.328   1.00 0.28 ? 6  TTM A "H5'"  1 
HETATM 181 H "H5''" . TTM A 1 6  ? 2.711   -8.853  1.709   1.00 0.26 ? 6  TTM A "H5''" 1 
HETATM 182 H "H4'"  . TTM A 1 6  ? -0.327  -9.061  1.693   1.00 0.23 ? 6  TTM A "H4'"  1 
HETATM 183 H "H1'"  . TTM A 1 6  ? -0.431  -6.335  0.838   1.00 0.27 ? 6  TTM A "H1'"  1 
HETATM 184 H H6     . TTM A 1 6  ? 2.330   -5.760  3.149   1.00 0.25 ? 6  TTM A H6     1 
HETATM 185 H H1Q    . TTM A 1 6  ? -0.331  -0.928  2.096   1.00 0.29 ? 6  TTM A H1Q    1 
HETATM 186 H H2Q    . TTM A 1 6  ? -0.812  -1.761  0.618   1.00 0.32 ? 6  TTM A H2Q    1 
HETATM 187 H H3Q    . TTM A 1 6  ? 1.547   -1.404  0.023   1.00 0.33 ? 6  TTM A H3Q    1 
HETATM 188 H H4Q    . TTM A 1 6  ? 0.162   -0.365  -0.281  1.00 0.40 ? 6  TTM A H4Q    1 
HETATM 189 H H71    . TTM A 1 6  ? 4.176   -3.939  4.005   1.00 0.40 ? 6  TTM A H71    1 
HETATM 190 H H72    . TTM A 1 6  ? 2.907   -4.203  5.218   1.00 0.28 ? 6  TTM A H72    1 
HETATM 191 H H73    . TTM A 1 6  ? 3.314   -2.545  4.701   1.00 0.44 ? 6  TTM A H73    1 
HETATM 192 H "H2'"  . TTM A 1 6  ? 2.474   -7.073  0.510   1.00 0.29 ? 6  TTM A "H2'"  1 
HETATM 193 H "H2''" . TTM A 1 6  ? 1.447   -6.268  -0.744  1.00 0.28 ? 6  TTM A "H2''" 1 
HETATM 194 H "H3'"  . TTM A 1 6  ? 0.977   -8.877  -0.629  1.00 0.23 ? 6  TTM A "H3'"  1 
ATOM   195 P P      . DT  A 1 7  ? -0.918  -7.478  -2.001  1.00 0.22 ? 7  DT  A P      1 
ATOM   196 O OP1    . DT  A 1 7  ? -2.118  -8.250  -2.389  1.00 0.29 ? 7  DT  A OP1    1 
ATOM   197 O OP2    . DT  A 1 7  ? 0.372   -7.714  -2.691  1.00 0.25 ? 7  DT  A OP2    1 
ATOM   198 O "O5'"  . DT  A 1 7  ? -1.266  -5.924  -2.128  1.00 0.23 ? 7  DT  A "O5'"  1 
ATOM   199 C "C5'"  . DT  A 1 7  ? -2.545  -5.555  -1.630  1.00 0.23 ? 7  DT  A "C5'"  1 
ATOM   200 C "C4'"  . DT  A 1 7  ? -3.058  -4.265  -2.245  1.00 0.21 ? 7  DT  A "C4'"  1 
ATOM   201 O "O4'"  . DT  A 1 7  ? -2.135  -3.206  -1.961  1.00 0.20 ? 7  DT  A "O4'"  1 
ATOM   202 C "C3'"  . DT  A 1 7  ? -3.210  -4.221  -3.758  1.00 0.19 ? 7  DT  A "C3'"  1 
ATOM   203 O "O3'"  . DT  A 1 7  ? -3.999  -3.161  -4.291  1.00 0.20 ? 7  DT  A "O3'"  1 
ATOM   204 C "C2'"  . DT  A 1 7  ? -1.766  -3.909  -4.106  1.00 0.20 ? 7  DT  A "C2'"  1 
ATOM   205 C "C1'"  . DT  A 1 7  ? -1.586  -2.707  -3.186  1.00 0.21 ? 7  DT  A "C1'"  1 
ATOM   206 N N1     . DT  A 1 7  ? -0.160  -2.363  -2.985  1.00 0.19 ? 7  DT  A N1     1 
ATOM   207 C C2     . DT  A 1 7  ? 0.267   -1.061  -3.234  1.00 0.18 ? 7  DT  A C2     1 
ATOM   208 O O2     . DT  A 1 7  ? -0.483  -0.163  -3.606  1.00 0.22 ? 7  DT  A O2     1 
ATOM   209 N N3     . DT  A 1 7  ? 1.623   -0.820  -3.037  1.00 0.18 ? 7  DT  A N3     1 
ATOM   210 C C4     . DT  A 1 7  ? 2.562   -1.753  -2.624  1.00 0.20 ? 7  DT  A C4     1 
ATOM   211 O O4     . DT  A 1 7  ? 3.742   -1.438  -2.481  1.00 0.24 ? 7  DT  A O4     1 
ATOM   212 C C5     . DT  A 1 7  ? 2.016   -3.067  -2.394  1.00 0.20 ? 7  DT  A C5     1 
ATOM   213 C C7     . DT  A 1 7  ? 2.936   -4.181  -1.941  1.00 0.25 ? 7  DT  A C7     1 
ATOM   214 C C6     . DT  A 1 7  ? 0.714   -3.329  -2.573  1.00 0.20 ? 7  DT  A C6     1 
ATOM   215 H "H5'"  . DT  A 1 7  ? -2.477  -5.446  -0.549  1.00 0.30 ? 7  DT  A "H5'"  1 
ATOM   216 H "H5''" . DT  A 1 7  ? -3.232  -6.370  -1.858  1.00 0.28 ? 7  DT  A "H5''" 1 
ATOM   217 H "H4'"  . DT  A 1 7  ? -4.014  -4.022  -1.782  1.00 0.25 ? 7  DT  A "H4'"  1 
ATOM   218 H "H3'"  . DT  A 1 7  ? -3.568  -5.167  -4.162  1.00 0.29 ? 7  DT  A "H3'"  1 
ATOM   219 H "H2'"  . DT  A 1 7  ? -1.107  -4.730  -3.823  1.00 0.25 ? 7  DT  A "H2'"  1 
ATOM   220 H "H2''" . DT  A 1 7  ? -1.650  -3.647  -5.154  1.00 0.28 ? 7  DT  A "H2''" 1 
ATOM   221 H "H1'"  . DT  A 1 7  ? -2.160  -1.857  -3.557  1.00 0.24 ? 7  DT  A "H1'"  1 
ATOM   222 H H3     . DT  A 1 7  ? 1.939   0.127   -3.215  1.00 0.19 ? 7  DT  A H3     1 
ATOM   223 H H71    . DT  A 1 7  ? 3.966   -3.833  -1.911  1.00 0.31 ? 7  DT  A H71    1 
ATOM   224 H H72    . DT  A 1 7  ? 2.821   -5.048  -2.569  1.00 0.37 ? 7  DT  A H72    1 
ATOM   225 H H73    . DT  A 1 7  ? 2.629   -4.539  -0.978  1.00 0.36 ? 7  DT  A H73    1 
ATOM   226 H H6     . DT  A 1 7  ? 0.355   -4.340  -2.377  1.00 0.23 ? 7  DT  A H6     1 
ATOM   227 P P      . DT  A 1 8  ? -4.411  -3.202  -5.842  1.00 0.19 ? 8  DT  A P      1 
ATOM   228 O OP1    . DT  A 1 8  ? -5.886  -3.288  -5.935  1.00 0.21 ? 8  DT  A OP1    1 
ATOM   229 O OP2    . DT  A 1 8  ? -3.562  -4.204  -6.525  1.00 0.31 ? 8  DT  A OP2    1 
ATOM   230 O "O5'"  . DT  A 1 8  ? -3.960  -1.753  -6.327  1.00 0.19 ? 8  DT  A "O5'"  1 
ATOM   231 C "C5'"  . DT  A 1 8  ? -4.670  -0.706  -5.687  1.00 0.18 ? 8  DT  A "C5'"  1 
ATOM   232 C "C4'"  . DT  A 1 8  ? -4.100  0.647   -6.020  1.00 0.19 ? 8  DT  A "C4'"  1 
ATOM   233 O "O4'"  . DT  A 1 8  ? -2.724  0.687   -5.637  1.00 0.19 ? 8  DT  A "O4'"  1 
ATOM   234 C "C3'"  . DT  A 1 8  ? -4.103  1.072   -7.477  1.00 0.20 ? 8  DT  A "C3'"  1 
ATOM   235 O "O3'"  . DT  A 1 8  ? -4.192  2.480   -7.692  1.00 0.20 ? 8  DT  A "O3'"  1 
ATOM   236 C "C2'"  . DT  A 1 8  ? -2.736  0.602   -7.924  1.00 0.22 ? 8  DT  A "C2'"  1 
ATOM   237 C "C1'"  . DT  A 1 8  ? -1.954  1.162   -6.744  1.00 0.19 ? 8  DT  A "C1'"  1 
ATOM   238 N N1     . DT  A 1 8  ? -0.609  0.575   -6.687  1.00 0.20 ? 8  DT  A N1     1 
ATOM   239 C C2     . DT  A 1 8  ? 0.504   1.403   -6.741  1.00 0.20 ? 8  DT  A C2     1 
ATOM   240 O O2     . DT  A 1 8  ? 0.426   2.628   -6.817  1.00 0.19 ? 8  DT  A O2     1 
ATOM   241 N N3     . DT  A 1 8  ? 1.733   0.758   -6.703  1.00 0.22 ? 8  DT  A N3     1 
ATOM   242 C C4     . DT  A 1 8  ? 1.934   -0.610  -6.618  1.00 0.25 ? 8  DT  A C4     1 
ATOM   243 O O4     . DT  A 1 8  ? 3.073   -1.077  -6.598  1.00 0.28 ? 8  DT  A O4     1 
ATOM   244 C C5     . DT  A 1 8  ? 0.709   -1.366  -6.566  1.00 0.25 ? 8  DT  A C5     1 
ATOM   245 C C7     . DT  A 1 8  ? 0.730   -2.864  -6.495  1.00 0.29 ? 8  DT  A C7     1 
ATOM   246 C C6     . DT  A 1 8  ? -0.485  -0.777  -6.599  1.00 0.23 ? 8  DT  A C6     1 
ATOM   247 H "H5'"  . DT  A 1 8  ? -4.618  -0.873  -4.612  1.00 0.24 ? 8  DT  A "H5'"  1 
ATOM   248 H "H5''" . DT  A 1 8  ? -5.714  -0.757  -5.998  1.00 0.26 ? 8  DT  A "H5''" 1 
ATOM   249 H "H4'"  . DT  A 1 8  ? -4.637  1.401   -5.444  1.00 0.22 ? 8  DT  A "H4'"  1 
ATOM   250 H "H3'"  . DT  A 1 8  ? -4.873  0.535   -8.021  1.00 0.28 ? 8  DT  A "H3'"  1 
ATOM   251 H "H2'"  . DT  A 1 8  ? -2.709  -0.487  -8.023  1.00 0.27 ? 8  DT  A "H2'"  1 
ATOM   252 H "H2''" . DT  A 1 8  ? -2.414  1.073   -8.851  1.00 0.25 ? 8  DT  A "H2''" 1 
ATOM   253 H "H1'"  . DT  A 1 8  ? -1.926  2.251   -6.786  1.00 0.23 ? 8  DT  A "H1'"  1 
ATOM   254 H H3     . DT  A 1 8  ? 2.562   1.337   -6.739  1.00 0.22 ? 8  DT  A H3     1 
ATOM   255 H H71    . DT  A 1 8  ? 1.687   -3.324  -6.692  1.00 0.35 ? 8  DT  A H71    1 
ATOM   256 H H72    . DT  A 1 8  ? -0.074  -2.942  -7.165  1.00 0.35 ? 8  DT  A H72    1 
ATOM   257 H H73    . DT  A 1 8  ? 0.052   -3.542  -6.040  1.00 0.38 ? 8  DT  A H73    1 
ATOM   258 H H6     . DT  A 1 8  ? -1.364  -1.421  -6.543  1.00 0.25 ? 8  DT  A H6     1 
ATOM   259 P P      . DT  A 1 9  ? -4.896  2.980   -9.041  1.00 0.18 ? 9  DT  A P      1 
ATOM   260 O OP1    . DT  A 1 9  ? -5.947  3.963   -8.690  1.00 0.24 ? 9  DT  A OP1    1 
ATOM   261 O OP2    . DT  A 1 9  ? -5.240  1.782   -9.840  1.00 0.21 ? 9  DT  A OP2    1 
ATOM   262 O "O5'"  . DT  A 1 9  ? -3.722  3.753   -9.798  1.00 0.29 ? 9  DT  A "O5'"  1 
ATOM   263 C "C5'"  . DT  A 1 9  ? -3.508  5.114   -9.444  1.00 0.22 ? 9  DT  A "C5'"  1 
ATOM   264 C "C4'"  . DT  A 1 9  ? -2.266  5.674   -10.112 1.00 0.20 ? 9  DT  A "C4'"  1 
ATOM   265 O "O4'"  . DT  A 1 9  ? -1.163  4.839   -9.749  1.00 0.22 ? 9  DT  A "O4'"  1 
ATOM   266 C "C3'"  . DT  A 1 9  ? -2.193  5.651   -11.637 1.00 0.21 ? 9  DT  A "C3'"  1 
ATOM   267 O "O3'"  . DT  A 1 9  ? -1.085  6.350   -12.204 1.00 0.21 ? 9  DT  A "O3'"  1 
ATOM   268 C "C2'"  . DT  A 1 9  ? -1.837  4.191   -11.827 1.00 0.20 ? 9  DT  A "C2'"  1 
ATOM   269 C "C1'"  . DT  A 1 9  ? -0.594  4.324   -10.958 1.00 0.18 ? 9  DT  A "C1'"  1 
ATOM   270 N N1     . DT  A 1 9  ? 0.176   3.087   -10.723 1.00 0.16 ? 9  DT  A N1     1 
ATOM   271 C C2     . DT  A 1 9  ? 1.556   3.187   -10.624 1.00 0.14 ? 9  DT  A C2     1 
ATOM   272 O O2     . DT  A 1 9  ? 2.157   4.253   -10.722 1.00 0.15 ? 9  DT  A O2     1 
ATOM   273 N N3     . DT  A 1 9  ? 2.237   2.000   -10.408 1.00 0.14 ? 9  DT  A N3     1 
ATOM   274 C C4     . DT  A 1 9  ? 1.665   0.744   -10.285 1.00 0.17 ? 9  DT  A C4     1 
ATOM   275 O O4     . DT  A 1 9  ? 2.364   -0.249  -10.095 1.00 0.20 ? 9  DT  A O4     1 
ATOM   276 C C5     . DT  A 1 9  ? 0.229   0.751   -10.405 1.00 0.18 ? 9  DT  A C5     1 
ATOM   277 C C7     . DT  A 1 9  ? -0.532  -0.550  -10.310 1.00 0.23 ? 9  DT  A C7     1 
ATOM   278 C C6     . DT  A 1 9  ? -0.457  1.885   -10.614 1.00 0.17 ? 9  DT  A C6     1 
ATOM   279 H "H5'"  . DT  A 1 9  ? -3.403  5.176   -8.360  1.00 0.26 ? 9  DT  A "H5'"  1 
ATOM   280 H "H5''" . DT  A 1 9  ? -4.383  5.686   -9.748  1.00 0.31 ? 9  DT  A "H5''" 1 
ATOM   281 H "H4'"  . DT  A 1 9  ? -2.084  6.684   -9.743  1.00 0.26 ? 9  DT  A "H4'"  1 
ATOM   282 H "H3'"  . DT  A 1 9  ? -3.123  5.971   -12.107 1.00 0.28 ? 9  DT  A "H3'"  1 
ATOM   283 H "H2'"  . DT  A 1 9  ? -2.565  3.511   -11.379 1.00 0.25 ? 9  DT  A "H2'"  1 
ATOM   284 H "H2''" . DT  A 1 9  ? -1.633  3.935   -12.863 1.00 0.26 ? 9  DT  A "H2''" 1 
ATOM   285 H "H1'"  . DT  A 1 9  ? 0.059   5.081   -11.392 1.00 0.22 ? 9  DT  A "H1'"  1 
ATOM   286 H H3     . DT  A 1 9  ? 3.244   2.083   -10.340 1.00 0.14 ? 9  DT  A H3     1 
ATOM   287 H H71    . DT  A 1 9  ? -1.467  -0.703  -9.845  1.00 0.29 ? 9  DT  A H71    1 
ATOM   288 H H72    . DT  A 1 9  ? -1.241  -0.400  -11.064 1.00 0.36 ? 9  DT  A H72    1 
ATOM   289 H H73    . DT  A 1 9  ? 0.070   -1.453  -10.286 1.00 0.28 ? 9  DT  A H73    1 
ATOM   290 H H6     . DT  A 1 9  ? -1.540  1.836   -10.701 1.00 0.19 ? 9  DT  A H6     1 
ATOM   291 P P      . DC  A 1 10 ? -1.068  7.955   -12.258 1.00 0.19 ? 10 DC  A P      1 
ATOM   292 O OP1    . DC  A 1 10 ? -1.379  8.486   -10.912 1.00 0.21 ? 10 DC  A OP1    1 
ATOM   293 O OP2    . DC  A 1 10 ? -1.880  8.378   -13.422 1.00 0.27 ? 10 DC  A OP2    1 
ATOM   294 O "O5'"  . DC  A 1 10 ? 0.460   8.278   -12.588 1.00 0.19 ? 10 DC  A "O5'"  1 
ATOM   295 C "C5'"  . DC  A 1 10 ? 1.237   8.876   -11.558 1.00 0.20 ? 10 DC  A "C5'"  1 
ATOM   296 C "C4'"  . DC  A 1 10 ? 2.722   8.620   -11.743 1.00 0.17 ? 10 DC  A "C4'"  1 
ATOM   297 O "O4'"  . DC  A 1 10 ? 2.930   7.205   -11.764 1.00 0.15 ? 10 DC  A "O4'"  1 
ATOM   298 C "C3'"  . DC  A 1 10 ? 3.385   9.089   -13.031 1.00 0.18 ? 10 DC  A "C3'"  1 
ATOM   299 O "O3'"  . DC  A 1 10 ? 4.810   9.153   -12.984 1.00 0.18 ? 10 DC  A "O3'"  1 
ATOM   300 C "C2'"  . DC  A 1 10 ? 2.963   7.935   -13.940 1.00 0.19 ? 10 DC  A "C2'"  1 
ATOM   301 C "C1'"  . DC  A 1 10 ? 3.474   6.817   -13.035 1.00 0.16 ? 10 DC  A "C1'"  1 
ATOM   302 N N1     . DC  A 1 10 ? 3.084   5.430   -13.341 1.00 0.15 ? 10 DC  A N1     1 
ATOM   303 C C2     . DC  A 1 10 ? 4.087   4.502   -13.251 1.00 0.15 ? 10 DC  A C2     1 
ATOM   304 O O2     . DC  A 1 10 ? 5.233   4.814   -12.951 1.00 0.16 ? 10 DC  A O2     1 
ATOM   305 N N3     . DC  A 1 10 ? 3.788   3.210   -13.509 1.00 0.16 ? 10 DC  A N3     1 
ATOM   306 C C4     . DC  A 1 10 ? 2.563   2.820   -13.844 1.00 0.18 ? 10 DC  A C4     1 
ATOM   307 N N4     . DC  A 1 10 ? 2.352   1.524   -14.081 1.00 0.19 ? 10 DC  A N4     1 
ATOM   308 C C5     . DC  A 1 10 ? 1.505   3.772   -13.943 1.00 0.18 ? 10 DC  A C5     1 
ATOM   309 C C6     . DC  A 1 10 ? 1.816   5.063   -13.683 1.00 0.17 ? 10 DC  A C6     1 
ATOM   310 H "H5'"  . DC  A 1 10 ? 0.915   8.465   -10.602 1.00 0.27 ? 10 DC  A "H5'"  1 
ATOM   311 H "H5''" . DC  A 1 10 ? 1.044   9.948   -11.565 1.00 0.28 ? 10 DC  A "H5''" 1 
ATOM   312 H "H4'"  . DC  A 1 10 ? 3.251   9.035   -10.883 1.00 0.22 ? 10 DC  A "H4'"  1 
ATOM   313 H "H3'"  . DC  A 1 10 ? 3.006   10.066  -13.333 1.00 0.24 ? 10 DC  A "H3'"  1 
ATOM   314 H "H2'"  . DC  A 1 10 ? 1.877   7.918   -14.027 1.00 0.24 ? 10 DC  A "H2'"  1 
ATOM   315 H "H2''" . DC  A 1 10 ? 3.443   7.930   -14.918 1.00 0.27 ? 10 DC  A "H2''" 1 
ATOM   316 H "H1'"  . DC  A 1 10 ? 4.565   6.779   -12.999 1.00 0.19 ? 10 DC  A "H1'"  1 
ATOM   317 H H41    . DC  A 1 10 ? 3.097   0.825   -14.021 1.00 0.20 ? 10 DC  A H41    1 
ATOM   318 H H42    . DC  A 1 10 ? 1.445   1.206   -14.324 1.00 0.23 ? 10 DC  A H42    1 
ATOM   319 H H5     . DC  A 1 10 ? 0.499   3.452   -14.214 1.00 0.24 ? 10 DC  A H5     1 
ATOM   320 H H6     . DC  A 1 10 ? 1.057   5.824   -13.752 1.00 0.18 ? 10 DC  A H6     1 
ATOM   321 P P      . DG  A 1 11 ? 5.499   10.430  -12.298 1.00 0.16 ? 11 DG  A P      1 
ATOM   322 O OP1    . DG  A 1 11 ? 5.727   10.162  -10.862 1.00 0.20 ? 11 DG  A OP1    1 
ATOM   323 O OP2    . DG  A 1 11 ? 4.731   11.627  -12.705 1.00 0.22 ? 11 DG  A OP2    1 
ATOM   324 O "O5'"  . DG  A 1 11 ? 6.932   10.519  -13.005 1.00 0.21 ? 11 DG  A "O5'"  1 
ATOM   325 C "C5'"  . DG  A 1 11 ? 8.037   10.501  -12.111 1.00 0.28 ? 11 DG  A "C5'"  1 
ATOM   326 C "C4'"  . DG  A 1 11 ? 9.144   9.567   -12.565 1.00 0.26 ? 11 DG  A "C4'"  1 
ATOM   327 O "O4'"  . DG  A 1 11 ? 8.514   8.330   -12.893 1.00 0.25 ? 11 DG  A "O4'"  1 
ATOM   328 C "C3'"  . DG  A 1 11 ? 9.923   9.841   -13.840 1.00 0.26 ? 11 DG  A "C3'"  1 
ATOM   329 O "O3'"  . DG  A 1 11 ? 11.013  8.913   -13.912 1.00 0.29 ? 11 DG  A "O3'"  1 
ATOM   330 C "C2'"  . DG  A 1 11 ? 8.871   9.487   -14.860 1.00 0.26 ? 11 DG  A "C2'"  1 
ATOM   331 C "C1'"  . DG  A 1 11 ? 8.652   8.094   -14.307 1.00 0.24 ? 11 DG  A "C1'"  1 
ATOM   332 N N9     . DG  A 1 11 ? 7.444   7.417   -14.809 1.00 0.23 ? 11 DG  A N9     1 
ATOM   333 C C8     . DG  A 1 11 ? 6.212   7.946   -15.054 1.00 0.23 ? 11 DG  A C8     1 
ATOM   334 N N7     . DG  A 1 11 ? 5.332   7.075   -15.478 1.00 0.22 ? 11 DG  A N7     1 
ATOM   335 C C5     . DG  A 1 11 ? 6.039   5.885   -15.515 1.00 0.21 ? 11 DG  A C5     1 
ATOM   336 C C6     . DG  A 1 11 ? 5.608   4.588   -15.896 1.00 0.21 ? 11 DG  A C6     1 
ATOM   337 O O6     . DG  A 1 11 ? 4.497   4.208   -16.284 1.00 0.22 ? 11 DG  A O6     1 
ATOM   338 N N1     . DG  A 1 11 ? 6.637   3.668   -15.787 1.00 0.22 ? 11 DG  A N1     1 
ATOM   339 C C2     . DG  A 1 11 ? 7.940   3.949   -15.364 1.00 0.23 ? 11 DG  A C2     1 
ATOM   340 N N2     . DG  A 1 11 ? 8.844   2.959   -15.310 1.00 0.24 ? 11 DG  A N2     1 
ATOM   341 N N3     . DG  A 1 11 ? 8.331   5.175   -15.009 1.00 0.23 ? 11 DG  A N3     1 
ATOM   342 C C4     . DG  A 1 11 ? 7.334   6.086   -15.109 1.00 0.21 ? 11 DG  A C4     1 
ATOM   343 H "H5'"  . DG  A 1 11 ? 7.647   10.150  -11.154 1.00 0.35 ? 11 DG  A "H5'"  1 
ATOM   344 H "H5''" . DG  A 1 11 ? 8.423   11.510  -11.986 1.00 0.39 ? 11 DG  A "H5''" 1 
ATOM   345 H "H4'"  . DG  A 1 11 ? 9.838   9.419   -11.738 1.00 0.33 ? 11 DG  A "H4'"  1 
ATOM   346 H "H3'"  . DG  A 1 11 ? 10.228  10.878  -13.913 1.00 0.34 ? 11 DG  A "H3'"  1 
ATOM   347 H "HO3'" . DG  A 1 11 ? 10.933  8.312   -13.156 1.00 0.72 ? 11 DG  A "HO3'" 1 
ATOM   348 H "H2'"  . DG  A 1 11 ? 7.994   10.124  -14.731 1.00 0.33 ? 11 DG  A "H2'"  1 
ATOM   349 H "H2''" . DG  A 1 11 ? 9.220   9.480   -15.892 1.00 0.37 ? 11 DG  A "H2''" 1 
ATOM   350 H "H1'"  . DG  A 1 11 ? 9.536   7.487   -14.499 1.00 0.31 ? 11 DG  A "H1'"  1 
ATOM   351 H H8     . DG  A 1 11 ? 6.025   9.009   -14.891 1.00 0.24 ? 11 DG  A H8     1 
ATOM   352 H H1     . DG  A 1 11 ? 6.334   2.738   -16.037 1.00 0.24 ? 11 DG  A H1     1 
ATOM   353 H H21    . DG  A 1 11 ? 8.584   2.007   -15.588 1.00 0.25 ? 11 DG  A H21    1 
ATOM   354 H H22    . DG  A 1 11 ? 9.789   3.125   -14.991 1.00 0.28 ? 11 DG  A H22    1 
ATOM   355 O "O5'"  . DC  B 1 1  ? 10.574  -4.418  -19.356 1.00 0.58 ? 1  DC  B "O5'"  1 
ATOM   356 C "C5'"  . DC  B 1 1  ? 9.644   -3.334  -19.331 1.00 0.51 ? 1  DC  B "C5'"  1 
ATOM   357 C "C4'"  . DC  B 1 1  ? 9.386   -2.930  -17.891 1.00 0.40 ? 1  DC  B "C4'"  1 
ATOM   358 O "O4'"  . DC  B 1 1  ? 8.488   -1.823  -17.794 1.00 0.37 ? 1  DC  B "O4'"  1 
ATOM   359 C "C3'"  . DC  B 1 1  ? 8.800   -3.975  -16.945 1.00 0.39 ? 1  DC  B "C3'"  1 
ATOM   360 O "O3'"  . DC  B 1 1  ? 9.316   -3.904  -15.619 1.00 0.36 ? 1  DC  B "O3'"  1 
ATOM   361 C "C2'"  . DC  B 1 1  ? 7.324   -3.583  -16.976 1.00 0.37 ? 1  DC  B "C2'"  1 
ATOM   362 C "C1'"  . DC  B 1 1  ? 7.555   -2.099  -16.744 1.00 0.32 ? 1  DC  B "C1'"  1 
ATOM   363 N N1     . DC  B 1 1  ? 6.412   -1.161  -16.849 1.00 0.28 ? 1  DC  B N1     1 
ATOM   364 C C2     . DC  B 1 1  ? 6.669   0.148   -16.503 1.00 0.25 ? 1  DC  B C2     1 
ATOM   365 O O2     . DC  B 1 1  ? 7.780   0.495   -16.124 1.00 0.25 ? 1  DC  B O2     1 
ATOM   366 N N3     . DC  B 1 1  ? 5.669   1.062   -16.585 1.00 0.23 ? 1  DC  B N3     1 
ATOM   367 C C4     . DC  B 1 1  ? 4.442   0.718   -16.993 1.00 0.25 ? 1  DC  B C4     1 
ATOM   368 N N4     . DC  B 1 1  ? 3.510   1.680   -17.051 1.00 0.24 ? 1  DC  B N4     1 
ATOM   369 C C5     . DC  B 1 1  ? 4.153   -0.645  -17.357 1.00 0.28 ? 1  DC  B C5     1 
ATOM   370 C C6     . DC  B 1 1  ? 5.165   -1.542  -17.269 1.00 0.29 ? 1  DC  B C6     1 
ATOM   371 H "H5'"  . DC  B 1 1  ? 8.710   -3.636  -19.801 1.00 0.56 ? 1  DC  B "H5'"  1 
ATOM   372 H "H5''" . DC  B 1 1  ? 10.066  -2.486  -19.870 1.00 0.56 ? 1  DC  B "H5''" 1 
ATOM   373 H "H4'"  . DC  B 1 1  ? 10.334  -2.595  -17.468 1.00 0.43 ? 1  DC  B "H4'"  1 
ATOM   374 H "H3'"  . DC  B 1 1  ? 9.004   -4.977  -17.321 1.00 0.44 ? 1  DC  B "H3'"  1 
ATOM   375 H "H2'"  . DC  B 1 1  ? 6.899   -3.782  -17.961 1.00 0.46 ? 1  DC  B "H2'"  1 
ATOM   376 H "H2''" . DC  B 1 1  ? 6.736   -4.035  -16.178 1.00 0.41 ? 1  DC  B "H2''" 1 
ATOM   377 H "H1'"  . DC  B 1 1  ? 8.068   -1.954  -15.797 1.00 0.30 ? 1  DC  B "H1'"  1 
ATOM   378 H H41    . DC  B 1 1  ? 3.769   2.634   -16.767 1.00 0.24 ? 1  DC  B H41    1 
ATOM   379 H H42    . DC  B 1 1  ? 2.571   1.479   -17.369 1.00 0.27 ? 1  DC  B H42    1 
ATOM   380 H H5     . DC  B 1 1  ? 3.161   -0.951  -17.693 1.00 0.31 ? 1  DC  B H5     1 
ATOM   381 H H6     . DC  B 1 1  ? 4.974   -2.580  -17.535 1.00 0.34 ? 1  DC  B H6     1 
ATOM   382 H "HO5'" . DC  B 1 1  ? 10.962  -4.435  -18.473 1.00 0.83 ? 1  DC  B "HO5'" 1 
ATOM   383 P P      . DG  B 1 2  ? 10.725  -4.646  -15.416 1.00 0.35 ? 2  DG  B P      1 
ATOM   384 O OP1    . DG  B 1 2  ? 11.449  -4.545  -16.704 1.00 0.40 ? 2  DG  B OP1    1 
ATOM   385 O OP2    . DG  B 1 2  ? 10.442  -5.982  -14.848 1.00 0.39 ? 2  DG  B OP2    1 
ATOM   386 O "O5'"  . DG  B 1 2  ? 11.507  -3.808  -14.302 1.00 0.31 ? 2  DG  B "O5'"  1 
ATOM   387 C "C5'"  . DG  B 1 2  ? 12.479  -2.831  -14.661 1.00 0.31 ? 2  DG  B "C5'"  1 
ATOM   388 C "C4'"  . DG  B 1 2  ? 12.311  -1.552  -13.849 1.00 0.27 ? 2  DG  B "C4'"  1 
ATOM   389 O "O4'"  . DG  B 1 2  ? 10.966  -1.146  -14.050 1.00 0.24 ? 2  DG  B "O4'"  1 
ATOM   390 C "C3'"  . DG  B 1 2  ? 12.388  -1.600  -12.318 1.00 0.28 ? 2  DG  B "C3'"  1 
ATOM   391 O "O3'"  . DG  B 1 2  ? 12.256  -0.344  -11.629 1.00 0.29 ? 2  DG  B "O3'"  1 
ATOM   392 C "C2'"  . DG  B 1 2  ? 11.052  -2.290  -12.050 1.00 0.27 ? 2  DG  B "C2'"  1 
ATOM   393 C "C1'"  . DG  B 1 2  ? 10.287  -1.205  -12.790 1.00 0.23 ? 2  DG  B "C1'"  1 
ATOM   394 N N9     . DG  B 1 2  ? 8.856   -1.353  -13.085 1.00 0.22 ? 2  DG  B N9     1 
ATOM   395 C C8     . DG  B 1 2  ? 8.110   -2.459  -13.400 1.00 0.23 ? 2  DG  B C8     1 
ATOM   396 N N7     . DG  B 1 2  ? 6.852   -2.192  -13.633 1.00 0.23 ? 2  DG  B N7     1 
ATOM   397 C C5     . DG  B 1 2  ? 6.765   -0.820  -13.458 1.00 0.21 ? 2  DG  B C5     1 
ATOM   398 C C6     . DG  B 1 2  ? 5.648   0.035   -13.579 1.00 0.20 ? 2  DG  B C6     1 
ATOM   399 O O6     . DG  B 1 2  ? 4.496   -0.278  -13.876 1.00 0.22 ? 2  DG  B O6     1 
ATOM   400 N N1     . DG  B 1 2  ? 5.978   1.367   -13.320 1.00 0.18 ? 2  DG  B N1     1 
ATOM   401 C C2     . DG  B 1 2  ? 7.257   1.816   -12.980 1.00 0.18 ? 2  DG  B C2     1 
ATOM   402 N N2     . DG  B 1 2  ? 7.463   3.117   -12.739 1.00 0.18 ? 2  DG  B N2     1 
ATOM   403 N N3     . DG  B 1 2  ? 8.300   0.988   -12.872 1.00 0.19 ? 2  DG  B N3     1 
ATOM   404 C C4     . DG  B 1 2  ? 7.985   -0.302  -13.123 1.00 0.20 ? 2  DG  B C4     1 
ATOM   405 H "H5'"  . DG  B 1 2  ? 12.359  -2.605  -15.721 1.00 0.34 ? 2  DG  B "H5'"  1 
ATOM   406 H "H5''" . DG  B 1 2  ? 13.469  -3.250  -14.491 1.00 0.39 ? 2  DG  B "H5''" 1 
ATOM   407 H "H4'"  . DG  B 1 2  ? 12.987  -0.794  -14.245 1.00 0.31 ? 2  DG  B "H4'"  1 
ATOM   408 H "H3'"  . DG  B 1 2  ? 13.264  -2.142  -11.965 1.00 0.36 ? 2  DG  B "H3'"  1 
ATOM   409 H "H2'"  . DG  B 1 2  ? 10.986  -3.256  -12.553 1.00 0.30 ? 2  DG  B "H2'"  1 
ATOM   410 H "H2''" . DG  B 1 2  ? 10.775  -2.348  -10.997 1.00 0.34 ? 2  DG  B "H2''" 1 
ATOM   411 H "H1'"  . DG  B 1 2  ? 10.434  -0.264  -12.261 1.00 0.28 ? 2  DG  B "H1'"  1 
ATOM   412 H H8     . DG  B 1 2  ? 8.530   -3.462  -13.457 1.00 0.27 ? 2  DG  B H8     1 
ATOM   413 H H1     . DG  B 1 2  ? 5.195   2.015   -13.403 1.00 0.17 ? 2  DG  B H1     1 
ATOM   414 H H21    . DG  B 1 2  ? 6.712   3.809   -12.825 1.00 0.19 ? 2  DG  B H21    1 
ATOM   415 H H22    . DG  B 1 2  ? 8.379   3.450   -12.450 1.00 0.21 ? 2  DG  B H22    1 
ATOM   416 P P      . DA  B 1 3  ? 12.950  1.055   -12.056 1.00 0.27 ? 3  DA  B P      1 
ATOM   417 O OP1    . DA  B 1 3  ? 13.544  0.933   -13.406 1.00 0.34 ? 3  DA  B OP1    1 
ATOM   418 O OP2    . DA  B 1 3  ? 13.804  1.491   -10.927 1.00 0.35 ? 3  DA  B OP2    1 
ATOM   419 O "O5'"  . DA  B 1 3  ? 11.708  2.068   -12.127 1.00 0.30 ? 3  DA  B "O5'"  1 
ATOM   420 C "C5'"  . DA  B 1 3  ? 11.884  3.377   -12.665 1.00 0.26 ? 3  DA  B "C5'"  1 
ATOM   421 C "C4'"  . DA  B 1 3  ? 11.325  4.456   -11.740 1.00 0.23 ? 3  DA  B "C4'"  1 
ATOM   422 O "O4'"  . DA  B 1 3  ? 10.012  4.022   -11.391 1.00 0.21 ? 3  DA  B "O4'"  1 
ATOM   423 C "C3'"  . DA  B 1 3  ? 11.972  4.660   -10.373 1.00 0.23 ? 3  DA  B "C3'"  1 
ATOM   424 O "O3'"  . DA  B 1 3  ? 11.567  5.811   -9.619  1.00 0.27 ? 3  DA  B "O3'"  1 
ATOM   425 C "C2'"  . DA  B 1 3  ? 11.400  3.450   -9.643  1.00 0.22 ? 3  DA  B "C2'"  1 
ATOM   426 C "C1'"  . DA  B 1 3  ? 9.943   3.740   -9.978  1.00 0.21 ? 3  DA  B "C1'"  1 
ATOM   427 N N9     . DA  B 1 3  ? 9.001   2.612   -9.873  1.00 0.19 ? 3  DA  B N9     1 
ATOM   428 C C8     . DA  B 1 3  ? 9.229   1.270   -9.688  1.00 0.20 ? 3  DA  B C8     1 
ATOM   429 N N7     . DA  B 1 3  ? 8.141   0.543   -9.690  1.00 0.18 ? 3  DA  B N7     1 
ATOM   430 C C5     . DA  B 1 3  ? 7.132   1.471   -9.889  1.00 0.16 ? 3  DA  B C5     1 
ATOM   431 C C6     . DA  B 1 3  ? 5.750   1.338   -9.992  1.00 0.15 ? 3  DA  B C6     1 
ATOM   432 N N6     . DA  B 1 3  ? 5.176   0.131   -9.905  1.00 0.17 ? 3  DA  B N6     1 
ATOM   433 N N1     . DA  B 1 3  ? 5.054   2.463   -10.189 1.00 0.15 ? 3  DA  B N1     1 
ATOM   434 C C2     . DA  B 1 3  ? 5.669   3.641   -10.280 1.00 0.15 ? 3  DA  B C2     1 
ATOM   435 N N3     . DA  B 1 3  ? 6.964   3.878   -10.198 1.00 0.16 ? 3  DA  B N3     1 
ATOM   436 C C4     . DA  B 1 3  ? 7.647   2.732   -10.000 1.00 0.17 ? 3  DA  B C4     1 
ATOM   437 H "H5'"  . DA  B 1 3  ? 11.358  3.414   -13.617 1.00 0.37 ? 3  DA  B "H5'"  1 
ATOM   438 H "H5''" . DA  B 1 3  ? 12.946  3.545   -12.837 1.00 0.35 ? 3  DA  B "H5''" 1 
ATOM   439 H "H4'"  . DA  B 1 3  ? 11.266  5.394   -12.295 1.00 0.27 ? 3  DA  B "H4'"  1 
ATOM   440 H "H3'"  . DA  B 1 3  ? 13.057  4.653   -10.455 1.00 0.28 ? 3  DA  B "H3'"  1 
ATOM   441 H "H2'"  . DA  B 1 3  ? 11.738  2.529   -10.114 1.00 0.27 ? 3  DA  B "H2'"  1 
ATOM   442 H "H2''" . DA  B 1 3  ? 11.586  3.440   -8.568  1.00 0.31 ? 3  DA  B "H2''" 1 
ATOM   443 H "H1'"  . DA  B 1 3  ? 9.576   4.606   -9.432  1.00 0.23 ? 3  DA  B "H1'"  1 
ATOM   444 H H8     . DA  B 1 3  ? 10.224  0.849   -9.550  1.00 0.23 ? 3  DA  B H8     1 
ATOM   445 H H61    . DA  B 1 3  ? 4.203   -0.141  -9.955  1.00 0.19 ? 3  DA  B H61    1 
ATOM   446 H H62    . DA  B 1 3  ? 5.806   -0.615  -9.770  1.00 0.23 ? 3  DA  B H62    1 
ATOM   447 H H2     . DA  B 1 3  ? 5.035   4.514   -10.444 1.00 0.17 ? 3  DA  B H2     1 
ATOM   448 P P      . DA  B 1 4  ? 10.768  7.113   -10.167 1.00 0.25 ? 4  DA  B P      1 
ATOM   449 O OP1    . DA  B 1 4  ? 11.036  7.315   -11.611 1.00 0.29 ? 4  DA  B OP1    1 
ATOM   450 O OP2    . DA  B 1 4  ? 11.047  8.220   -9.224  1.00 0.31 ? 4  DA  B OP2    1 
ATOM   451 O "O5'"  . DA  B 1 4  ? 9.248   6.683   -9.962  1.00 0.26 ? 4  DA  B "O5'"  1 
ATOM   452 C "C5'"  . DA  B 1 4  ? 8.328   7.730   -9.678  1.00 0.24 ? 4  DA  B "C5'"  1 
ATOM   453 C "C4'"  . DA  B 1 4  ? 7.812   7.690   -8.249  1.00 0.22 ? 4  DA  B "C4'"  1 
ATOM   454 O "O4'"  . DA  B 1 4  ? 7.188   6.424   -8.031  1.00 0.22 ? 4  DA  B "O4'"  1 
ATOM   455 C "C3'"  . DA  B 1 4  ? 8.802   7.788   -7.079  1.00 0.24 ? 4  DA  B "C3'"  1 
ATOM   456 O "O3'"  . DA  B 1 4  ? 8.261   8.041   -5.777  1.00 0.23 ? 4  DA  B "O3'"  1 
ATOM   457 C "C2'"  . DA  B 1 4  ? 9.234   6.330   -7.017  1.00 0.22 ? 4  DA  B "C2'"  1 
ATOM   458 C "C1'"  . DA  B 1 4  ? 7.807   5.822   -6.893  1.00 0.21 ? 4  DA  B "C1'"  1 
ATOM   459 N N9     . DA  B 1 4  ? 7.581   4.362   -6.849  1.00 0.20 ? 4  DA  B N9     1 
ATOM   460 C C8     . DA  B 1 4  ? 8.488   3.333   -6.804  1.00 0.23 ? 4  DA  B C8     1 
ATOM   461 N N7     . DA  B 1 4  ? 7.945   2.146   -6.754  1.00 0.24 ? 4  DA  B N7     1 
ATOM   462 C C5     . DA  B 1 4  ? 6.583   2.410   -6.771  1.00 0.20 ? 4  DA  B C5     1 
ATOM   463 C C6     . DA  B 1 4  ? 5.469   1.570   -6.740  1.00 0.19 ? 4  DA  B C6     1 
ATOM   464 N N6     . DA  B 1 4  ? 5.594   0.242   -6.682  1.00 0.23 ? 4  DA  B N6     1 
ATOM   465 N N1     . DA  B 1 4  ? 4.259   2.152   -6.768  1.00 0.16 ? 4  DA  B N1     1 
ATOM   466 C C2     . DA  B 1 4  ? 4.163   3.481   -6.825  1.00 0.14 ? 4  DA  B C2     1 
ATOM   467 N N3     . DA  B 1 4  ? 5.145   4.364   -6.859  1.00 0.16 ? 4  DA  B N3     1 
ATOM   468 C C4     . DA  B 1 4  ? 6.349   3.755   -6.829  1.00 0.18 ? 4  DA  B C4     1 
ATOM   469 H "H5'"  . DA  B 1 4  ? 7.493   7.666   -10.374 1.00 0.34 ? 4  DA  B "H5'"  1 
ATOM   470 H "H5''" . DA  B 1 4  ? 8.854   8.671   -9.831  1.00 0.33 ? 4  DA  B "H5''" 1 
ATOM   471 H "H4'"  . DA  B 1 4  ? 7.058   8.474   -8.169  1.00 0.27 ? 4  DA  B "H4'"  1 
ATOM   472 H "H3'"  . DA  B 1 4  ? 9.602   8.500   -7.289  1.00 0.30 ? 4  DA  B "H3'"  1 
ATOM   473 H "H2'"  . DA  B 1 4  ? 9.703   6.003   -7.940  1.00 0.28 ? 4  DA  B "H2'"  1 
ATOM   474 H "H2''" . DA  B 1 4  ? 9.839   6.092   -6.142  1.00 0.27 ? 4  DA  B "H2''" 1 
ATOM   475 H "H1'"  . DA  B 1 4  ? 7.372   6.262   -5.997  1.00 0.24 ? 4  DA  B "H1'"  1 
ATOM   476 H H8     . DA  B 1 4  ? 9.566   3.491   -6.809  1.00 0.28 ? 4  DA  B H8     1 
ATOM   477 H H61    . DA  B 1 4  ? 4.777   -0.359  -6.656  1.00 0.26 ? 4  DA  B H61    1 
ATOM   478 H H62    . DA  B 1 4  ? 6.519   -0.167  -6.664  1.00 0.26 ? 4  DA  B H62    1 
ATOM   479 H H2     . DA  B 1 4  ? 3.154   3.895   -6.846  1.00 0.15 ? 4  DA  B H2     1 
ATOM   480 P P      . DA  B 1 5  ? 7.066   9.091   -5.530  1.00 0.18 ? 5  DA  B P      1 
ATOM   481 O OP1    . DA  B 1 5  ? 7.169   10.174  -6.535  1.00 0.21 ? 5  DA  B OP1    1 
ATOM   482 O OP2    . DA  B 1 5  ? 7.042   9.425   -4.087  1.00 0.25 ? 5  DA  B OP2    1 
ATOM   483 O "O5'"  . DA  B 1 5  ? 5.772   8.219   -5.851  1.00 0.18 ? 5  DA  B "O5'"  1 
ATOM   484 C "C5'"  . DA  B 1 5  ? 4.757   8.802   -6.658  1.00 0.17 ? 5  DA  B "C5'"  1 
ATOM   485 C "C4'"  . DA  B 1 5  ? 3.376   8.554   -6.074  1.00 0.17 ? 5  DA  B "C4'"  1 
ATOM   486 O "O4'"  . DA  B 1 5  ? 3.251   7.143   -5.874  1.00 0.20 ? 5  DA  B "O4'"  1 
ATOM   487 C "C3'"  . DA  B 1 5  ? 3.049   9.119   -4.696  1.00 0.16 ? 5  DA  B "C3'"  1 
ATOM   488 O "O3'"  . DA  B 1 5  ? 1.674   9.048   -4.318  1.00 0.16 ? 5  DA  B "O3'"  1 
ATOM   489 C "C2'"  . DA  B 1 5  ? 3.787   8.099   -3.850  1.00 0.19 ? 5  DA  B "C2'"  1 
ATOM   490 C "C1'"  . DA  B 1 5  ? 3.110   6.887   -4.472  1.00 0.19 ? 5  DA  B "C1'"  1 
ATOM   491 N N9     . DA  B 1 5  ? 3.731   5.596   -4.119  1.00 0.20 ? 5  DA  B N9     1 
ATOM   492 C C8     . DA  B 1 5  ? 5.047   5.316   -3.852  1.00 0.21 ? 5  DA  B C8     1 
ATOM   493 N N7     . DA  B 1 5  ? 5.274   4.065   -3.557  1.00 0.21 ? 5  DA  B N7     1 
ATOM   494 C C5     . DA  B 1 5  ? 4.021   3.480   -3.637  1.00 0.19 ? 5  DA  B C5     1 
ATOM   495 C C6     . DA  B 1 5  ? 3.602   2.170   -3.434  1.00 0.19 ? 5  DA  B C6     1 
ATOM   496 N N6     . DA  B 1 5  ? 4.488   1.235   -3.076  1.00 0.20 ? 5  DA  B N6     1 
ATOM   497 N N1     . DA  B 1 5  ? 2.296   1.921   -3.594  1.00 0.19 ? 5  DA  B N1     1 
ATOM   498 C C2     . DA  B 1 5  ? 1.460   2.904   -3.929  1.00 0.20 ? 5  DA  B C2     1 
ATOM   499 N N3     . DA  B 1 5  ? 1.750   4.177   -4.144  1.00 0.21 ? 5  DA  B N3     1 
ATOM   500 C C4     . DA  B 1 5  ? 3.071   4.400   -3.979  1.00 0.19 ? 5  DA  B C4     1 
ATOM   501 H "H5'"  . DA  B 1 5  ? 4.812   8.360   -7.653  1.00 0.24 ? 5  DA  B "H5'"  1 
ATOM   502 H "H5''" . DA  B 1 5  ? 4.952   9.873   -6.730  1.00 0.21 ? 5  DA  B "H5''" 1 
ATOM   503 H "H4'"  . DA  B 1 5  ? 2.625   8.880   -6.795  1.00 0.21 ? 5  DA  B "H4'"  1 
ATOM   504 H "H3'"  . DA  B 1 5  ? 3.405   10.142  -4.572  1.00 0.20 ? 5  DA  B "H3'"  1 
ATOM   505 H "H2'"  . DA  B 1 5  ? 4.853   8.120   -4.071  1.00 0.23 ? 5  DA  B "H2'"  1 
ATOM   506 H "H2''" . DA  B 1 5  ? 3.597   8.179   -2.778  1.00 0.25 ? 5  DA  B "H2''" 1 
ATOM   507 H "H1'"  . DA  B 1 5  ? 2.057   6.894   -4.196  1.00 0.24 ? 5  DA  B "H1'"  1 
ATOM   508 H H8     . DA  B 1 5  ? 5.833   6.071   -3.886  1.00 0.25 ? 5  DA  B H8     1 
ATOM   509 H H61    . DA  B 1 5  ? 4.370   0.244   -2.911  1.00 0.23 ? 5  DA  B H61    1 
ATOM   510 H H62    . DA  B 1 5  ? 5.410   1.562   -2.949  1.00 0.25 ? 5  DA  B H62    1 
ATOM   511 H H2     . DA  B 1 5  ? 0.411   2.627   -4.040  1.00 0.25 ? 5  DA  B H2     1 
HETATM 512 P P      . TTM B 1 6  ? 1.147   10.076  -3.207  1.00 0.17 ? 6  TTM B P      1 
HETATM 513 O OP1    . TTM B 1 6  ? -0.321  9.937   -3.075  1.00 0.20 ? 6  TTM B OP1    1 
HETATM 514 O OP2    . TTM B 1 6  ? 1.731   11.402  -3.507  1.00 0.21 ? 6  TTM B OP2    1 
HETATM 515 O "O5'"  . TTM B 1 6  ? 1.845   9.528   -1.868  1.00 0.19 ? 6  TTM B "O5'"  1 
HETATM 516 C "C5'"  . TTM B 1 6  ? 1.064   9.182   -0.730  1.00 0.19 ? 6  TTM B "C5'"  1 
HETATM 517 C "C4'"  . TTM B 1 6  ? 0.161   7.994   -1.016  1.00 0.19 ? 6  TTM B "C4'"  1 
HETATM 518 O "O4'"  . TTM B 1 6  ? 0.962   6.890   -1.452  1.00 0.21 ? 6  TTM B "O4'"  1 
HETATM 519 C "C1'"  . TTM B 1 6  ? 0.748   5.813   -0.526  1.00 0.21 ? 6  TTM B "C1'"  1 
HETATM 520 N N1     . TTM B 1 6  ? 1.911   4.906   -0.461  1.00 0.19 ? 6  TTM B N1     1 
HETATM 521 C C6     . TTM B 1 6  ? 3.176   5.405   -0.416  1.00 0.21 ? 6  TTM B C6     1 
HETATM 522 C C2     . TTM B 1 6  ? 1.669   3.541   -0.445  1.00 0.18 ? 6  TTM B C2     1 
HETATM 523 O O2     . TTM B 1 6  ? 0.528   3.085   -0.483  1.00 0.20 ? 6  TTM B O2     1 
HETATM 524 N N3     . TTM B 1 6  ? 2.772   2.697   -0.380  1.00 0.18 ? 6  TTM B N3     1 
HETATM 525 C C1Q    . TTM B 1 6  ? 2.539   1.337   -0.384  1.00 0.21 ? 6  TTM B C1Q    1 
HETATM 526 C C2Q    . TTM B 1 6  ? 1.831   0.653   0.653   1.00 0.20 ? 6  TTM B C2Q    1 
HETATM 527 C C4     . TTM B 1 6  ? 4.087   3.152   -0.331  1.00 0.20 ? 6  TTM B C4     1 
HETATM 528 O O4     . TTM B 1 6  ? 5.031   2.364   -0.279  1.00 0.25 ? 6  TTM B O4     1 
HETATM 529 C C5     . TTM B 1 6  ? 4.237   4.589   -0.352  1.00 0.22 ? 6  TTM B C5     1 
HETATM 530 C C5M    . TTM B 1 6  ? 5.634   5.185   -0.302  1.00 0.28 ? 6  TTM B C5M    1 
HETATM 531 C "C2'"  . TTM B 1 6  ? 0.458   6.570   0.762   1.00 0.23 ? 6  TTM B "C2'"  1 
HETATM 532 C "C3'"  . TTM B 1 6  ? -0.638  7.422   0.149   1.00 0.21 ? 6  TTM B "C3'"  1 
HETATM 533 O "O3'"  . TTM B 1 6  ? -1.680  6.518   -0.204  1.00 0.22 ? 6  TTM B "O3'"  1 
HETATM 534 H "H5'"  . TTM B 1 6  ? 0.452   10.039  -0.449  1.00 0.24 ? 6  TTM B "H5'"  1 
HETATM 535 H "H5''" . TTM B 1 6  ? 1.755   8.949   0.078   1.00 0.28 ? 6  TTM B "H5''" 1 
HETATM 536 H "H4'"  . TTM B 1 6  ? -0.538  8.258   -1.810  1.00 0.21 ? 6  TTM B "H4'"  1 
HETATM 537 H "H1'"  . TTM B 1 6  ? -0.145  5.253   -0.808  1.00 0.26 ? 6  TTM B "H1'"  1 
HETATM 538 H H6     . TTM B 1 6  ? 3.327   6.484   -0.432  1.00 0.24 ? 6  TTM B H6     1 
HETATM 539 H H1Q    . TTM B 1 6  ? 3.447   0.775   -0.601  1.00 0.26 ? 6  TTM B H1Q    1 
HETATM 540 H H2Q    . TTM B 1 6  ? 1.870   1.271   -1.241  1.00 0.33 ? 6  TTM B H2Q    1 
HETATM 541 H H3Q    . TTM B 1 6  ? 2.623   0.365   1.348   1.00 0.37 ? 6  TTM B H3Q    1 
HETATM 542 H H4Q    . TTM B 1 6  ? 1.217   1.395   1.165   1.00 0.41 ? 6  TTM B H4Q    1 
HETATM 543 H H71    . TTM B 1 6  ? 5.730   5.811   0.585   1.00 0.78 ? 6  TTM B H71    1 
HETATM 544 H H72    . TTM B 1 6  ? 6.364   4.377   -0.262  1.00 0.75 ? 6  TTM B H72    1 
HETATM 545 H H73    . TTM B 1 6  ? 5.803   5.788   -1.193  1.00 0.86 ? 6  TTM B H73    1 
HETATM 546 H "H2'"  . TTM B 1 6  ? 1.306   7.168   1.090   1.00 0.27 ? 6  TTM B "H2'"  1 
HETATM 547 H "H2''" . TTM B 1 6  ? 0.107   5.904   1.549   1.00 0.29 ? 6  TTM B "H2''" 1 
HETATM 548 H "H3'"  . TTM B 1 6  ? -1.039  8.198   0.801   1.00 0.25 ? 6  TTM B "H3'"  1 
ATOM   549 P P      . DT  B 1 7  ? -3.141  6.791   0.393   1.00 0.22 ? 7  DT  B P      1 
ATOM   550 O OP1    . DT  B 1 7  ? -3.835  7.764   -0.479  1.00 0.29 ? 7  DT  B OP1    1 
ATOM   551 O OP2    . DT  B 1 7  ? -2.989  7.069   1.840   1.00 0.24 ? 7  DT  B OP2    1 
ATOM   552 O "O5'"  . DT  B 1 7  ? -3.864  5.375   0.252   1.00 0.22 ? 7  DT  B "O5'"  1 
ATOM   553 C "C5'"  . DT  B 1 7  ? -4.128  4.878   -1.055  1.00 0.23 ? 7  DT  B "C5'"  1 
ATOM   554 C "C4'"  . DT  B 1 7  ? -4.647  3.453   -0.998  1.00 0.20 ? 7  DT  B "C4'"  1 
ATOM   555 O "O4'"  . DT  B 1 7  ? -3.698  2.711   -0.225  1.00 0.20 ? 7  DT  B "O4'"  1 
ATOM   556 C "C3'"  . DT  B 1 7  ? -5.964  3.194   -0.273  1.00 0.19 ? 7  DT  B "C3'"  1 
ATOM   557 O "O3'"  . DT  B 1 7  ? -6.524  1.896   -0.426  1.00 0.20 ? 7  DT  B "O3'"  1 
ATOM   558 C "C2'"  . DT  B 1 7  ? -5.448  3.266   1.150   1.00 0.20 ? 7  DT  B "C2'"  1 
ATOM   559 C "C1'"  . DT  B 1 7  ? -4.316  2.251   0.987   1.00 0.22 ? 7  DT  B "C1'"  1 
ATOM   560 N N1     . DT  B 1 7  ? -3.324  2.240   2.092   1.00 0.19 ? 7  DT  B N1     1 
ATOM   561 C C2     . DT  B 1 7  ? -2.907  1.015   2.608   1.00 0.18 ? 7  DT  B C2     1 
ATOM   562 O O2     . DT  B 1 7  ? -3.326  -0.065  2.195   1.00 0.22 ? 7  DT  B O2     1 
ATOM   563 N N3     . DT  B 1 7  ? -1.979  1.071   3.644   1.00 0.18 ? 7  DT  B N3     1 
ATOM   564 C C4     . DT  B 1 7  ? -1.446  2.227   4.196   1.00 0.20 ? 7  DT  B C4     1 
ATOM   565 O O4     . DT  B 1 7  ? -0.628  2.172   5.114   1.00 0.23 ? 7  DT  B O4     1 
ATOM   566 C C5     . DT  B 1 7  ? -1.939  3.441   3.596   1.00 0.20 ? 7  DT  B C5     1 
ATOM   567 C C7     . DT  B 1 7  ? -1.431  4.775   4.120   1.00 0.25 ? 7  DT  B C7     1 
ATOM   568 C C6     . DT  B 1 7  ? -2.835  3.417   2.592   1.00 0.20 ? 7  DT  B C6     1 
ATOM   569 H "H5'"  . DT  B 1 7  ? -3.195  4.905   -1.617  1.00 0.29 ? 7  DT  B "H5'"  1 
ATOM   570 H "H5''" . DT  B 1 7  ? -4.855  5.529   -1.540  1.00 0.28 ? 7  DT  B "H5''" 1 
ATOM   571 H "H4'"  . DT  B 1 7  ? -4.691  3.043   -2.008  1.00 0.24 ? 7  DT  B "H4'"  1 
ATOM   572 H "H3'"  . DT  B 1 7  ? -6.721  3.941   -0.510  1.00 0.26 ? 7  DT  B "H3'"  1 
ATOM   573 H "H2'"  . DT  B 1 7  ? -5.085  4.274   1.343   1.00 0.24 ? 7  DT  B "H2'"  1 
ATOM   574 H "H2''" . DT  B 1 7  ? -6.189  2.958   1.884   1.00 0.28 ? 7  DT  B "H2''" 1 
ATOM   575 H "H1'"  . DT  B 1 7  ? -4.739  1.256   0.836   1.00 0.24 ? 7  DT  B "H1'"  1 
ATOM   576 H H3     . DT  B 1 7  ? -1.672  0.178   4.020   1.00 0.20 ? 7  DT  B H3     1 
ATOM   577 H H71    . DT  B 1 7  ? -1.023  5.369   3.324   1.00 0.41 ? 7  DT  B H71    1 
ATOM   578 H H72    . DT  B 1 7  ? -2.242  5.386   4.472   1.00 0.43 ? 7  DT  B H72    1 
ATOM   579 H H73    . DT  B 1 7  ? -0.697  4.618   4.911   1.00 0.41 ? 7  DT  B H73    1 
ATOM   580 H H6     . DT  B 1 7  ? -3.173  4.362   2.172   1.00 0.22 ? 7  DT  B H6     1 
ATOM   581 P P      . DT  B 1 8  ? -8.067  1.675   -0.047  1.00 0.19 ? 8  DT  B P      1 
ATOM   582 O OP1    . DT  B 1 8  ? -8.843  1.533   -1.298  1.00 0.20 ? 8  DT  B OP1    1 
ATOM   583 O OP2    . DT  B 1 8  ? -8.450  2.696   0.956   1.00 0.30 ? 8  DT  B OP2    1 
ATOM   584 O "O5'"  . DT  B 1 8  ? -8.024  0.260   0.683   1.00 0.19 ? 8  DT  B "O5'"  1 
ATOM   585 C "C5'"  . DT  B 1 8  ? -7.745  -0.858  -0.146  1.00 0.19 ? 8  DT  B "C5'"  1 
ATOM   586 C "C4'"  . DT  B 1 8  ? -7.517  -2.112  0.670   1.00 0.19 ? 8  DT  B "C4'"  1 
ATOM   587 O "O4'"  . DT  B 1 8  ? -6.435  -1.861  1.576   1.00 0.19 ? 8  DT  B "O4'"  1 
ATOM   588 C "C3'"  . DT  B 1 8  ? -8.647  -2.575  1.579   1.00 0.20 ? 8  DT  B "C3'"  1 
ATOM   589 O "O3'"  . DT  B 1 8  ? -8.574  -3.917  2.058   1.00 0.20 ? 8  DT  B "O3'"  1 
ATOM   590 C "C2'"  . DT  B 1 8  ? -8.375  -1.647  2.753   1.00 0.21 ? 8  DT  B "C2'"  1 
ATOM   591 C "C1'"  . DT  B 1 8  ? -6.904  -2.004  2.923   1.00 0.20 ? 8  DT  B "C1'"  1 
ATOM   592 N N1     . DT  B 1 8  ? -6.101  -1.151  3.840   1.00 0.21 ? 8  DT  B N1     1 
ATOM   593 C C2     . DT  B 1 8  ? -5.248  -1.790  4.737   1.00 0.20 ? 8  DT  B C2     1 
ATOM   594 O O2     . DT  B 1 8  ? -5.145  -3.012  4.803   1.00 0.20 ? 8  DT  B O2     1 
ATOM   595 N N3     . DT  B 1 8  ? -4.511  -0.962  5.576   1.00 0.22 ? 8  DT  B N3     1 
ATOM   596 C C4     . DT  B 1 8  ? -4.554  0.421   5.594   1.00 0.25 ? 8  DT  B C4     1 
ATOM   597 O O4     . DT  B 1 8  ? -3.854  1.059   6.380   1.00 0.28 ? 8  DT  B O4     1 
ATOM   598 C C5     . DT  B 1 8  ? -5.464  0.993   4.636   1.00 0.25 ? 8  DT  B C5     1 
ATOM   599 C C7     . DT  B 1 8  ? -5.594  2.506   4.606   1.00 0.29 ? 8  DT  B C7     1 
ATOM   600 C C6     . DT  B 1 8  ? -6.193  0.218   3.804   1.00 0.23 ? 8  DT  B C6     1 
ATOM   601 H "H5'"  . DT  B 1 8  ? -6.855  -0.631  -0.733  1.00 0.24 ? 8  DT  B "H5'"  1 
ATOM   602 H "H5''" . DT  B 1 8  ? -8.587  -0.997  -0.824  1.00 0.25 ? 8  DT  B "H5''" 1 
ATOM   603 H "H4'"  . DT  B 1 8  ? -7.235  -2.926  0.002   1.00 0.24 ? 8  DT  B "H4'"  1 
ATOM   604 H "H3'"  . DT  B 1 8  ? -9.624  -2.428  1.119   1.00 0.32 ? 8  DT  B "H3'"  1 
ATOM   605 H "H2'"  . DT  B 1 8  ? -8.512  -0.611  2.444   1.00 0.27 ? 8  DT  B "H2'"  1 
ATOM   606 H "H2''" . DT  B 1 8  ? -8.968  -1.890  3.633   1.00 0.27 ? 8  DT  B "H2''" 1 
ATOM   607 H "H1'"  . DT  B 1 8  ? -6.831  -3.049  3.228   1.00 0.23 ? 8  DT  B "H1'"  1 
ATOM   608 H H3     . DT  B 1 8  ? -3.879  -1.402  6.237   1.00 0.21 ? 8  DT  B H3     1 
ATOM   609 H H71    . DT  B 1 8  ? -5.463  3.107   3.771   1.00 0.66 ? 8  DT  B H71    1 
ATOM   610 H H72    . DT  B 1 8  ? -6.586  2.742   4.323   1.00 0.46 ? 8  DT  B H72    1 
ATOM   611 H H73    . DT  B 1 8  ? -5.058  3.026   5.396   1.00 0.50 ? 8  DT  B H73    1 
ATOM   612 H H6     . DT  B 1 8  ? -6.869  0.690   3.091   1.00 0.26 ? 8  DT  B H6     1 
ATOM   613 P P      . DT  B 1 9  ? -9.972  -4.678  2.255   1.00 0.18 ? 9  DT  B P      1 
ATOM   614 O OP1    . DT  B 1 9  ? -10.069 -5.756  1.245   1.00 0.24 ? 9  DT  B OP1    1 
ATOM   615 O OP2    . DT  B 1 9  ? -11.031 -3.646  2.336   1.00 0.21 ? 9  DT  B OP2    1 
ATOM   616 O "O5'"  . DT  B 1 9  ? -9.842  -5.359  3.693   1.00 0.29 ? 9  DT  B "O5'"  1 
ATOM   617 C "C5'"  . DT  B 1 9  ? -9.127  -6.585  3.757   1.00 0.21 ? 9  DT  B "C5'"  1 
ATOM   618 C "C4'"  . DT  B 1 9  ? -8.594  -6.832  5.150   1.00 0.19 ? 9  DT  B "C4'"  1 
ATOM   619 O "O4'"  . DT  B 1 9  ? -7.847  -5.667  5.516   1.00 0.22 ? 9  DT  B "O4'"  1 
ATOM   620 C "C3'"  . DT  B 1 9  ? -9.584  -6.976  6.307   1.00 0.21 ? 9  DT  B "C3'"  1 
ATOM   621 O "O3'"  . DT  B 1 9  ? -9.021  -7.510  7.508   1.00 0.21 ? 9  DT  B "O3'"  1 
ATOM   622 C "C2'"  . DT  B 1 9  ? -9.881  -5.503  6.555   1.00 0.20 ? 9  DT  B "C2'"  1 
ATOM   623 C "C1'"  . DT  B 1 9  ? -8.411  -5.155  6.727   1.00 0.18 ? 9  DT  B "C1'"  1 
ATOM   624 N N1     . DT  B 1 9  ? -8.060  -3.740  6.981   1.00 0.16 ? 9  DT  B N1     1 
ATOM   625 C C2     . DT  B 1 9  ? -7.089  -3.517  7.942   1.00 0.14 ? 9  DT  B C2     1 
ATOM   626 O O2     . DT  B 1 9  ? -6.544  -4.429  8.560   1.00 0.15 ? 9  DT  B O2     1 
ATOM   627 N N3     . DT  B 1 9  ? -6.762  -2.196  8.184   1.00 0.14 ? 9  DT  B N3     1 
ATOM   628 C C4     . DT  B 1 9  ? -7.306  -1.090  7.563   1.00 0.17 ? 9  DT  B C4     1 
ATOM   629 O O4     . DT  B 1 9  ? -6.924  0.040   7.867   1.00 0.20 ? 9  DT  B O4     1 
ATOM   630 C C5     . DT  B 1 9  ? -8.309  -1.412  6.577   1.00 0.18 ? 9  DT  B C5     1 
ATOM   631 C C7     . DT  B 1 9  ? -8.991  -0.263  5.850   1.00 0.23 ? 9  DT  B C7     1 
ATOM   632 C C6     . DT  B 1 9  ? -8.652  -2.696  6.315   1.00 0.17 ? 9  DT  B C6     1 
ATOM   633 H "H5'"  . DT  B 1 9  ? -8.298  -6.524  3.051   1.00 0.29 ? 9  DT  B "H5'"  1 
ATOM   634 H "H5''" . DT  B 1 9  ? -9.789  -7.397  3.459   1.00 0.33 ? 9  DT  B "H5''" 1 
ATOM   635 H "H4'"  . DT  B 1 9  ? -7.921  -7.689  5.126   1.00 0.27 ? 9  DT  B "H4'"  1 
ATOM   636 H "H3'"  . DT  B 1 9  ? -10.444 -7.578  6.019   1.00 0.26 ? 9  DT  B "H3'"  1 
ATOM   637 H "H2'"  . DT  B 1 9  ? -10.311 -5.033  5.670   1.00 0.25 ? 9  DT  B "H2'"  1 
ATOM   638 H "H2''" . DT  B 1 9  ? -10.473 -5.315  7.449   1.00 0.25 ? 9  DT  B "H2''" 1 
ATOM   639 H "H1'"  . DT  B 1 9  ? -8.028  -5.751  7.556   1.00 0.23 ? 9  DT  B "H1'"  1 
ATOM   640 H H3     . DT  B 1 9  ? -6.057  -2.050  8.892   1.00 0.15 ? 9  DT  B H3     1 
ATOM   641 H H71    . DT  B 1 9  ? -8.743  0.732   6.213   1.00 0.27 ? 9  DT  B H71    1 
ATOM   642 H H72    . DT  B 1 9  ? -9.174  -0.195  4.821   1.00 0.29 ? 9  DT  B H72    1 
ATOM   643 H H73    . DT  B 1 9  ? -9.988  -0.572  5.737   1.00 0.33 ? 9  DT  B H73    1 
ATOM   644 H H6     . DT  B 1 9  ? -9.415  -2.906  5.567   1.00 0.21 ? 9  DT  B H6     1 
ATOM   645 P P      . DC  B 1 10 ? -8.716  -9.093  7.567   1.00 0.19 ? 10 DC  B P      1 
ATOM   646 O OP1    . DC  B 1 10 ? -7.750  -9.430  6.499   1.00 0.21 ? 10 DC  B OP1    1 
ATOM   647 O OP2    . DC  B 1 10 ? -10.016 -9.796  7.625   1.00 0.27 ? 10 DC  B OP2    1 
ATOM   648 O "O5'"  . DC  B 1 10 ? -7.989  -9.311  8.971   1.00 0.19 ? 10 DC  B "O5'"  1 
ATOM   649 C "C5'"  . DC  B 1 10 ? -6.654  -9.812  8.947   1.00 0.20 ? 10 DC  B "C5'"  1 
ATOM   650 C "C4'"  . DC  B 1 10 ? -5.864  -9.364  10.164  1.00 0.17 ? 10 DC  B "C4'"  1 
ATOM   651 O "O4'"  . DC  B 1 10 ? -6.014  -7.944  10.206  1.00 0.15 ? 10 DC  B "O4'"  1 
ATOM   652 C "C3'"  . DC  B 1 10 ? -6.333  -9.791  11.554  1.00 0.18 ? 10 DC  B "C3'"  1 
ATOM   653 O "O3'"  . DC  B 1 10 ? -5.426  -9.506  12.621  1.00 0.17 ? 10 DC  B "O3'"  1 
ATOM   654 C "C2'"  . DC  B 1 10 ? -7.520  -8.849  11.695  1.00 0.18 ? 10 DC  B "C2'"  1 
ATOM   655 C "C1'"  . DC  B 1 10 ? -6.733  -7.576  11.393  1.00 0.16 ? 10 DC  B "C1'"  1 
ATOM   656 N N1     . DC  B 1 10 ? -7.500  -6.347  11.146  1.00 0.15 ? 10 DC  B N1     1 
ATOM   657 C C2     . DC  B 1 10 ? -7.006  -5.212  11.722  1.00 0.15 ? 10 DC  B C2     1 
ATOM   658 O O2     . DC  B 1 10 ? -5.994  -5.225  12.413  1.00 0.16 ? 10 DC  B O2     1 
ATOM   659 N N3     . DC  B 1 10 ? -7.672  -4.056  11.515  1.00 0.16 ? 10 DC  B N3     1 
ATOM   660 C C4     . DC  B 1 10 ? -8.776  -3.991  10.781  1.00 0.17 ? 10 DC  B C4     1 
ATOM   661 N N4     . DC  B 1 10 ? -9.363  -2.802  10.634  1.00 0.19 ? 10 DC  B N4     1 
ATOM   662 C C5     . DC  B 1 10 ? -9.305  -5.170  10.173  1.00 0.18 ? 10 DC  B C5     1 
ATOM   663 C C6     . DC  B 1 10 ? -8.630  -6.319  10.388  1.00 0.17 ? 10 DC  B C6     1 
ATOM   664 H "H5'"  . DC  B 1 10 ? -6.179  -9.429  8.044   1.00 0.27 ? 10 DC  B "H5'"  1 
ATOM   665 H "H5''" . DC  B 1 10 ? -6.685  -10.900 8.899   1.00 0.28 ? 10 DC  B "H5''" 1 
ATOM   666 H "H4'"  . DC  B 1 10 ? -4.812  -9.610  10.019  1.00 0.23 ? 10 DC  B "H4'"  1 
ATOM   667 H "H3'"  . DC  B 1 10 ? -6.586  -10.851 11.574  1.00 0.25 ? 10 DC  B "H3'"  1 
ATOM   668 H "H2'"  . DC  B 1 10 ? -8.256  -9.068  10.920  1.00 0.25 ? 10 DC  B "H2'"  1 
ATOM   669 H "H2''" . DC  B 1 10 ? -7.976  -8.833  12.684  1.00 0.26 ? 10 DC  B "H2''" 1 
ATOM   670 H "H1'"  . DC  B 1 10 ? -6.048  -7.306  12.199  1.00 0.21 ? 10 DC  B "H1'"  1 
ATOM   671 H H41    . DC  B 1 10 ? -9.000  -1.953  11.073  1.00 0.22 ? 10 DC  B H41    1 
ATOM   672 H H42    . DC  B 1 10 ? -10.182 -2.719  10.080  1.00 0.20 ? 10 DC  B H42    1 
ATOM   673 H H5     . DC  B 1 10 ? -10.207 -5.149  9.562   1.00 0.22 ? 10 DC  B H5     1 
ATOM   674 H H6     . DC  B 1 10 ? -8.995  -7.234  9.960   1.00 0.21 ? 10 DC  B H6     1 
ATOM   675 P P      . DG  B 1 11 ? -4.152  -10.453 12.869  1.00 0.15 ? 11 DG  B P      1 
ATOM   676 O OP1    . DG  B 1 11 ? -3.005  -9.959  12.078  1.00 0.21 ? 11 DG  B OP1    1 
ATOM   677 O OP2    . DG  B 1 11 ? -4.597  -11.856 12.712  1.00 0.22 ? 11 DG  B OP2    1 
ATOM   678 O "O5'"  . DG  B 1 11 ? -3.807  -10.231 14.419  1.00 0.21 ? 11 DG  B "O5'"  1 
ATOM   679 C "C5'"  . DG  B 1 11 ? -2.475  -9.815  14.702  1.00 0.28 ? 11 DG  B "C5'"  1 
ATOM   680 C "C4'"  . DG  B 1 11 ? -2.418  -8.673  15.709  1.00 0.27 ? 11 DG  B "C4'"  1 
ATOM   681 O "O4'"  . DG  B 1 11 ? -3.381  -7.719  15.259  1.00 0.25 ? 11 DG  B "O4'"  1 
ATOM   682 C "C3'"  . DG  B 1 11 ? -2.866  -8.871  17.152  1.00 0.26 ? 11 DG  B "C3'"  1 
ATOM   683 O "O3'"  . DG  B 1 11 ? -2.563  -7.675  17.883  1.00 0.29 ? 11 DG  B "O3'"  1 
ATOM   684 C "C2'"  . DG  B 1 11 ? -4.364  -8.978  16.928  1.00 0.26 ? 11 DG  B "C2'"  1 
ATOM   685 C "C1'"  . DG  B 1 11 ? -4.447  -7.636  16.223  1.00 0.24 ? 11 DG  B "C1'"  1 
ATOM   686 N N9     . DG  B 1 11 ? -5.713  -7.298  15.537  1.00 0.22 ? 11 DG  B N9     1 
ATOM   687 C C8     . DG  B 1 11 ? -6.559  -8.095  14.811  1.00 0.22 ? 11 DG  B C8     1 
ATOM   688 N N7     . DG  B 1 11 ? -7.590  -7.463  14.317  1.00 0.22 ? 11 DG  B N7     1 
ATOM   689 C C5     . DG  B 1 11 ? -7.418  -6.158  14.743  1.00 0.21 ? 11 DG  B C5     1 
ATOM   690 C C6     . DG  B 1 11 ? -8.227  -5.020  14.509  1.00 0.21 ? 11 DG  B C6     1 
ATOM   691 O O6     . DG  B 1 11 ? -9.277  -4.925  13.868  1.00 0.22 ? 11 DG  B O6     1 
ATOM   692 N N1     . DG  B 1 11 ? -7.699  -3.892  15.116  1.00 0.22 ? 11 DG  B N1     1 
ATOM   693 C C2     . DG  B 1 11 ? -6.525  -3.848  15.871  1.00 0.23 ? 11 DG  B C2     1 
ATOM   694 N N2     . DG  B 1 11 ? -6.127  -2.684  16.411  1.00 0.24 ? 11 DG  B N2     1 
ATOM   695 N N3     . DG  B 1 11 ? -5.771  -4.936  16.081  1.00 0.23 ? 11 DG  B N3     1 
ATOM   696 C C4     . DG  B 1 11 ? -6.276  -6.046  15.492  1.00 0.21 ? 11 DG  B C4     1 
ATOM   697 H "H5'"  . DG  B 1 11 ? -2.058  -9.473  13.754  1.00 0.38 ? 11 DG  B "H5'"  1 
ATOM   698 H "H5''" . DG  B 1 11 ? -1.893  -10.663 15.057  1.00 0.39 ? 11 DG  B "H5''" 1 
ATOM   699 H "H4'"  . DG  B 1 11 ? -1.422  -8.234  15.687  1.00 0.36 ? 11 DG  B "H4'"  1 
ATOM   700 H "H3'"  . DG  B 1 11 ? -2.413  -9.747  17.614  1.00 0.33 ? 11 DG  B "H3'"  1 
ATOM   701 H "HO3'" . DG  B 1 11 ? -2.233  -7.023  17.252  1.00 0.51 ? 11 DG  B "HO3'" 1 
ATOM   702 H "H2'"  . DG  B 1 11 ? -4.601  -9.804  16.257  1.00 0.28 ? 11 DG  B "H2'"  1 
ATOM   703 H "H2''" . DG  B 1 11 ? -4.964  -9.009  17.839  1.00 0.37 ? 11 DG  B "H2''" 1 
ATOM   704 H "H1'"  . DG  B 1 11 ? -4.212  -6.860  16.951  1.00 0.30 ? 11 DG  B "H1'"  1 
ATOM   705 H H8     . DG  B 1 11 ? -6.385  -9.160  14.656  1.00 0.25 ? 11 DG  B H8     1 
ATOM   706 H H1     . DG  B 1 11 ? -8.259  -3.071  14.937  1.00 0.25 ? 11 DG  B H1     1 
ATOM   707 H H21    . DG  B 1 11 ? -6.675  -1.825  16.283  1.00 0.26 ? 11 DG  B H21    1 
ATOM   708 H H22    . DG  B 1 11 ? -5.275  -2.625  16.951  1.00 0.28 ? 11 DG  B H22    1 
# 
